data_9FKA
#
_entry.id   9FKA
#
_cell.length_a   1.00
_cell.length_b   1.00
_cell.length_c   1.00
_cell.angle_alpha   90.00
_cell.angle_beta   90.00
_cell.angle_gamma   90.00
#
_symmetry.space_group_name_H-M   'P 1'
#
loop_
_entity.id
_entity.type
_entity.pdbx_description
1 polymer 'Probable integral membrane cytochrome D ubiquinol oxidase (Subunit I) CydA (Cytochrome BD-I oxidase subunit I)'
2 polymer 'Probable integral membrane cytochrome D ubiquinol oxidase (Subunit II) CydB (Cytochrome BD-I oxidase subunit II)'
3 non-polymer PHOSPHATIDYLETHANOLAMINE
4 non-polymer MENAQUINONE-9
5 non-polymer 'PROTOPORPHYRIN IX CONTAINING FE'
6 non-polymer 'CIS-HEME D HYDROXYCHLORIN GAMMA-SPIROLACTONE'
7 non-polymer CARDIOLIPIN
8 non-polymer '(2R,5R,11R,14R)-5,8,11-trihydroxy-5,11-dioxido-17-oxo-2,14-bis(tetradecanoyloxy)-4,6,10,12,16-pentaoxa-5,11-diphosphatriacont-1-yl tetradecanoate'
#
loop_
_entity_poly.entity_id
_entity_poly.type
_entity_poly.pdbx_seq_one_letter_code
_entity_poly.pdbx_strand_id
1 'polypeptide(L)'
;MNVVDISRWQFGITTVYHFIFVPLTIGLAPLIAVMQTLWVVTDNPAWYRLTKFFGKLFLINFAIGVATGIVQEFQFGMNW
SEYSRFVGDVFGAPLAMEGLAAFFFESTFIGLWIFGWNRLPRLVHLACIWIVAIAVNVSAFFIIAANSFMQHPVGAHYNP
TTGRAELSSIVVLLTNNTAQAAFTHTVSGALLTAGTFVAAVSAWWLVRSSTTHADSDTQAMYRPATILGCWVALAATAGL
LFTGDHQGKLMFQQQPMKMASAESLCDTQTDPNFSVLTVGRQNNCDSLTRVIEVPYVLPFLAEGRISGVTLQGIRDLQQE
YQQRFGPNDYRPNLFVTYWSFRMMIGLMAIPVLFALIALWLTRGGQIPNQRWFSWLALLTMPAPFLANSAGWVFTEMGRQ
PWVVVPNPTGDQLVRLTVKAGVSDHSATVVATSLLMFTLVYAVLAVIWCWLLKRYIVEGPLEHDAEPAAHGAPRDDEVAP
LSFAY
;
A
2 'polypeptide(L)'
;MVLQELWFGVIAALFLGFFILEGFDFGVGMLMAPFAHVGMGDPETHRRTALNTIGPVWDGNEVWLITAGAAIFAAFPGWY
ATVFSALYLPLLAILFGMILRAVAIEWRGKIDDPKWRTGADFGIAAGSWLPALLWGVAFAILVRGLPVDANGHVALSIPD
VLNAYTLLGGLATAGLFSLYGAVFIALKTSGPIRDDAYRFAVWLSLPVAGLVAGFGLWTQLAYGKDWTWLVLAVAGCAQA
AATVLVWRRVSDGWAFMCTLIVVAAVVVLLFGALYPNLVPSTLNPQWSLTIHNASSTPYTLKIMTWVTAFFAPLTVAYQT
WTYWVFRQRISAERIPPPTGLARRAP
;
B
#
loop_
_chem_comp.id
_chem_comp.type
_chem_comp.name
_chem_comp.formula
CD4 non-polymer '(2R,5R,11R,14R)-5,8,11-trihydroxy-5,11-dioxido-17-oxo-2,14-bis(tetradecanoyloxy)-4,6,10,12,16-pentaoxa-5,11-diphosphatriacont-1-yl tetradecanoate' 'C65 H126 O17 P2'
CDL non-polymer CARDIOLIPIN 'C81 H156 O17 P2 -2'
HDD non-polymer 'CIS-HEME D HYDROXYCHLORIN GAMMA-SPIROLACTONE' 'C34 H32 Fe N4 O5'
HEM non-polymer 'PROTOPORPHYRIN IX CONTAINING FE' 'C34 H32 Fe N4 O4'
MQ9 non-polymer MENAQUINONE-9 'C56 H80 O2'
PTY non-polymer PHOSPHATIDYLETHANOLAMINE 'C40 H80 N O8 P'
#
# COMPACT_ATOMS: atom_id res chain seq x y z
N MET A 1 -4.76 -10.07 27.90
CA MET A 1 -4.59 -8.76 27.21
C MET A 1 -5.89 -8.32 26.55
N ASN A 2 -6.35 -7.13 26.91
CA ASN A 2 -7.61 -6.63 26.39
C ASN A 2 -7.52 -6.41 24.87
N VAL A 3 -8.67 -6.14 24.26
CA VAL A 3 -8.72 -5.97 22.81
C VAL A 3 -7.96 -4.72 22.37
N VAL A 4 -7.97 -3.68 23.20
CA VAL A 4 -7.34 -2.42 22.79
C VAL A 4 -5.84 -2.62 22.58
N ASP A 5 -5.18 -3.27 23.54
CA ASP A 5 -3.75 -3.50 23.43
C ASP A 5 -3.42 -4.38 22.22
N ILE A 6 -4.22 -5.41 21.99
CA ILE A 6 -3.96 -6.30 20.86
C ILE A 6 -4.13 -5.55 19.54
N SER A 7 -5.15 -4.69 19.45
CA SER A 7 -5.35 -3.91 18.23
C SER A 7 -4.18 -2.95 18.01
N ARG A 8 -3.72 -2.29 19.08
CA ARG A 8 -2.59 -1.39 18.95
C ARG A 8 -1.35 -2.14 18.47
N TRP A 9 -1.10 -3.32 19.05
CA TRP A 9 0.06 -4.11 18.64
C TRP A 9 -0.08 -4.54 17.19
N GLN A 10 -1.28 -4.94 16.77
CA GLN A 10 -1.48 -5.36 15.39
C GLN A 10 -1.19 -4.22 14.43
N PHE A 11 -1.73 -3.02 14.72
CA PHE A 11 -1.48 -1.89 13.83
C PHE A 11 0.00 -1.55 13.79
N GLY A 12 0.65 -1.52 14.95
CA GLY A 12 2.06 -1.19 14.98
C GLY A 12 2.91 -2.17 14.19
N ILE A 13 2.64 -3.47 14.37
CA ILE A 13 3.42 -4.49 13.69
C ILE A 13 3.17 -4.44 12.18
N THR A 14 1.90 -4.34 11.78
CA THR A 14 1.58 -4.34 10.36
C THR A 14 2.07 -3.07 9.66
N THR A 15 2.25 -1.98 10.39
CA THR A 15 2.75 -0.77 9.76
C THR A 15 4.28 -0.69 9.77
N VAL A 16 4.92 -1.17 10.84
CA VAL A 16 6.38 -1.20 10.86
C VAL A 16 6.89 -2.11 9.76
N TYR A 17 6.23 -3.24 9.54
CA TYR A 17 6.59 -4.09 8.41
C TYR A 17 6.48 -3.34 7.10
N HIS A 18 5.42 -2.56 6.93
CA HIS A 18 5.22 -1.85 5.67
C HIS A 18 6.31 -0.82 5.44
N PHE A 19 6.73 -0.12 6.51
CA PHE A 19 7.70 0.95 6.37
C PHE A 19 9.15 0.47 6.42
N ILE A 20 9.38 -0.84 6.46
CA ILE A 20 10.73 -1.33 6.24
C ILE A 20 11.10 -1.26 4.77
N PHE A 21 10.09 -1.25 3.89
CA PHE A 21 10.30 -1.21 2.45
C PHE A 21 9.96 0.13 1.82
N VAL A 22 9.12 0.93 2.48
CA VAL A 22 8.76 2.23 1.92
C VAL A 22 9.98 3.14 1.76
N PRO A 23 10.86 3.28 2.76
CA PRO A 23 11.98 4.20 2.59
C PRO A 23 12.84 3.88 1.38
N LEU A 24 13.04 2.59 1.09
CA LEU A 24 13.85 2.22 -0.06
C LEU A 24 13.19 2.69 -1.35
N THR A 25 11.88 2.46 -1.50
CA THR A 25 11.20 2.83 -2.73
C THR A 25 11.24 4.34 -2.95
N ILE A 26 10.85 5.11 -1.94
CA ILE A 26 10.75 6.57 -2.11
C ILE A 26 12.10 7.15 -2.49
N GLY A 27 13.16 6.70 -1.82
CA GLY A 27 14.49 7.22 -2.10
C GLY A 27 15.11 6.61 -3.33
N LEU A 28 14.87 5.31 -3.56
CA LEU A 28 15.54 4.64 -4.67
C LEU A 28 14.97 5.03 -6.02
N ALA A 29 13.66 5.28 -6.10
CA ALA A 29 13.07 5.62 -7.40
C ALA A 29 13.71 6.86 -8.01
N PRO A 30 13.88 7.97 -7.29
CA PRO A 30 14.64 9.09 -7.87
C PRO A 30 16.04 8.71 -8.29
N LEU A 31 16.72 7.85 -7.53
CA LEU A 31 18.07 7.43 -7.90
C LEU A 31 18.07 6.65 -9.21
N ILE A 32 17.12 5.73 -9.37
CA ILE A 32 17.05 4.97 -10.61
C ILE A 32 16.70 5.89 -11.78
N ALA A 33 15.80 6.85 -11.56
CA ALA A 33 15.50 7.80 -12.61
C ALA A 33 16.73 8.60 -13.00
N VAL A 34 17.52 9.02 -12.01
CA VAL A 34 18.73 9.77 -12.29
C VAL A 34 19.71 8.93 -13.10
N MET A 35 19.88 7.67 -12.72
CA MET A 35 20.80 6.81 -13.44
C MET A 35 20.34 6.60 -14.88
N GLN A 36 19.03 6.38 -15.07
CA GLN A 36 18.53 6.15 -16.43
C GLN A 36 18.68 7.40 -17.29
N THR A 37 18.35 8.58 -16.75
CA THR A 37 18.52 9.79 -17.53
C THR A 37 19.99 10.08 -17.81
N LEU A 38 20.88 9.73 -16.88
CA LEU A 38 22.30 9.86 -17.16
C LEU A 38 22.71 8.96 -18.32
N TRP A 39 22.21 7.73 -18.35
CA TRP A 39 22.51 6.84 -19.46
C TRP A 39 21.98 7.44 -20.77
N VAL A 40 20.75 7.95 -20.75
CA VAL A 40 20.16 8.49 -21.97
C VAL A 40 20.98 9.68 -22.47
N VAL A 41 21.38 10.57 -21.57
CA VAL A 41 22.10 11.77 -21.97
C VAL A 41 23.49 11.41 -22.47
N THR A 42 24.19 10.53 -21.77
CA THR A 42 25.58 10.22 -22.10
C THR A 42 25.77 8.89 -22.82
N ASP A 43 24.69 8.13 -23.04
CA ASP A 43 24.73 6.85 -23.75
C ASP A 43 25.87 5.95 -23.28
N ASN A 44 26.30 6.13 -22.04
CA ASN A 44 27.38 5.32 -21.48
C ASN A 44 26.84 3.95 -21.08
N PRO A 45 27.39 2.85 -21.59
CA PRO A 45 26.86 1.53 -21.19
C PRO A 45 26.89 1.29 -19.69
N ALA A 46 27.85 1.89 -18.98
CA ALA A 46 27.97 1.64 -17.55
C ALA A 46 26.69 2.01 -16.82
N TRP A 47 26.11 3.17 -17.14
CA TRP A 47 24.88 3.59 -16.48
C TRP A 47 23.71 2.66 -16.82
N TYR A 48 23.69 2.10 -18.03
CA TYR A 48 22.64 1.16 -18.38
C TYR A 48 22.71 -0.08 -17.50
N ARG A 49 23.91 -0.60 -17.27
CA ARG A 49 24.06 -1.79 -16.44
C ARG A 49 23.58 -1.53 -15.02
N LEU A 50 23.92 -0.36 -14.46
CA LEU A 50 23.49 -0.03 -13.11
C LEU A 50 21.98 0.05 -13.02
N THR A 51 21.33 0.67 -14.01
CA THR A 51 19.88 0.77 -13.99
C THR A 51 19.23 -0.60 -13.99
N LYS A 52 19.71 -1.51 -14.84
CA LYS A 52 19.18 -2.87 -14.84
C LYS A 52 19.49 -3.58 -13.53
N PHE A 53 20.69 -3.40 -13.00
CA PHE A 53 21.07 -4.06 -11.76
C PHE A 53 20.21 -3.58 -10.60
N PHE A 54 20.28 -2.27 -10.31
CA PHE A 54 19.48 -1.73 -9.22
C PHE A 54 17.99 -1.75 -9.54
N GLY A 55 17.63 -1.86 -10.81
CA GLY A 55 16.23 -2.03 -11.14
C GLY A 55 15.64 -3.31 -10.57
N LYS A 56 16.39 -4.40 -10.65
CA LYS A 56 15.91 -5.67 -10.09
C LYS A 56 15.70 -5.55 -8.58
N LEU A 57 16.65 -4.96 -7.88
CA LEU A 57 16.48 -4.78 -6.44
C LEU A 57 15.30 -3.88 -6.12
N PHE A 58 15.13 -2.81 -6.91
CA PHE A 58 13.99 -1.92 -6.69
C PHE A 58 12.67 -2.64 -6.91
N LEU A 59 12.59 -3.45 -7.96
CA LEU A 59 11.34 -4.20 -8.21
C LEU A 59 11.10 -5.24 -7.13
N ILE A 60 12.15 -5.90 -6.67
CA ILE A 60 11.98 -6.88 -5.59
C ILE A 60 11.42 -6.19 -4.35
N ASN A 61 11.99 -5.04 -3.99
CA ASN A 61 11.51 -4.31 -2.83
C ASN A 61 10.12 -3.73 -3.07
N PHE A 62 9.84 -3.29 -4.30
CA PHE A 62 8.55 -2.68 -4.60
C PHE A 62 7.41 -3.66 -4.40
N ALA A 63 7.61 -4.91 -4.82
CA ALA A 63 6.52 -5.89 -4.76
C ALA A 63 6.01 -6.06 -3.34
N ILE A 64 6.91 -6.32 -2.40
CA ILE A 64 6.48 -6.50 -1.01
C ILE A 64 6.00 -5.18 -0.43
N GLY A 65 6.55 -4.06 -0.89
CA GLY A 65 6.07 -2.77 -0.42
C GLY A 65 4.58 -2.58 -0.67
N VAL A 66 4.13 -2.94 -1.88
CA VAL A 66 2.71 -2.86 -2.18
C VAL A 66 1.94 -3.90 -1.39
N ALA A 67 2.51 -5.09 -1.24
CA ALA A 67 1.81 -6.16 -0.53
C ALA A 67 1.51 -5.77 0.91
N THR A 68 2.47 -5.17 1.60
CA THR A 68 2.26 -4.80 3.00
C THR A 68 1.35 -3.60 3.13
N GLY A 69 1.28 -2.74 2.12
CA GLY A 69 0.46 -1.55 2.20
C GLY A 69 -1.02 -1.79 2.03
N ILE A 70 -1.40 -2.93 1.44
CA ILE A 70 -2.82 -3.19 1.20
C ILE A 70 -3.57 -3.31 2.52
N VAL A 71 -2.97 -4.01 3.50
CA VAL A 71 -3.65 -4.22 4.77
C VAL A 71 -3.94 -2.89 5.46
N GLN A 72 -2.97 -1.98 5.43
CA GLN A 72 -3.15 -0.70 6.12
C GLN A 72 -4.39 0.04 5.62
N GLU A 73 -4.73 -0.13 4.35
CA GLU A 73 -5.88 0.59 3.80
C GLU A 73 -7.16 0.24 4.52
N PHE A 74 -7.38 -1.04 4.80
CA PHE A 74 -8.61 -1.49 5.43
C PHE A 74 -8.51 -1.54 6.95
N GLN A 75 -7.31 -1.57 7.50
CA GLN A 75 -7.16 -1.74 8.97
C GLN A 75 -8.01 -0.71 9.71
N PHE A 76 -8.09 0.53 9.22
CA PHE A 76 -8.80 1.57 9.94
C PHE A 76 -10.21 1.12 10.28
N GLY A 77 -10.96 0.66 9.27
CA GLY A 77 -12.32 0.21 9.51
C GLY A 77 -12.39 -1.06 10.33
N MET A 78 -11.46 -2.00 10.08
CA MET A 78 -11.54 -3.30 10.72
C MET A 78 -11.43 -3.19 12.24
N ASN A 79 -10.39 -2.49 12.72
CA ASN A 79 -10.11 -2.44 14.14
C ASN A 79 -10.48 -1.11 14.78
N TRP A 80 -10.53 -0.03 14.01
CA TRP A 80 -10.75 1.30 14.56
C TRP A 80 -12.01 1.92 13.97
N SER A 81 -13.10 1.16 13.94
CA SER A 81 -14.34 1.65 13.38
C SER A 81 -14.80 2.92 14.09
N GLU A 82 -14.75 2.92 15.42
CA GLU A 82 -15.21 4.09 16.17
C GLU A 82 -14.38 5.32 15.83
N TYR A 83 -13.06 5.14 15.71
CA TYR A 83 -12.21 6.27 15.35
C TYR A 83 -12.43 6.70 13.90
N SER A 84 -12.76 5.75 13.02
CA SER A 84 -12.97 6.11 11.61
C SER A 84 -14.15 7.05 11.47
N ARG A 85 -15.22 6.82 12.21
CA ARG A 85 -16.37 7.71 12.14
C ARG A 85 -16.00 9.13 12.57
N PHE A 86 -15.22 9.25 13.65
CA PHE A 86 -14.92 10.57 14.19
C PHE A 86 -14.14 11.42 13.19
N VAL A 87 -13.13 10.84 12.54
CA VAL A 87 -12.25 11.59 11.65
C VAL A 87 -12.50 11.28 10.19
N GLY A 88 -13.41 10.36 9.87
CA GLY A 88 -13.58 9.95 8.49
C GLY A 88 -13.86 11.11 7.56
N ASP A 89 -14.73 12.02 7.98
CA ASP A 89 -15.14 13.12 7.11
C ASP A 89 -13.93 13.91 6.61
N VAL A 90 -12.95 14.15 7.48
CA VAL A 90 -11.79 14.96 7.14
C VAL A 90 -10.59 14.08 6.81
N PHE A 91 -10.53 12.91 7.43
CA PHE A 91 -9.38 12.03 7.25
C PHE A 91 -9.41 11.33 5.90
N GLY A 92 -10.59 10.96 5.42
CA GLY A 92 -10.65 10.19 4.18
C GLY A 92 -10.18 10.98 2.97
N ALA A 93 -10.46 12.28 2.95
CA ALA A 93 -10.13 13.07 1.77
C ALA A 93 -8.65 13.00 1.42
N PRO A 94 -7.71 13.21 2.35
CA PRO A 94 -6.30 12.99 1.99
C PRO A 94 -6.02 11.58 1.49
N LEU A 95 -6.64 10.57 2.09
CA LEU A 95 -6.40 9.20 1.66
C LEU A 95 -6.97 8.96 0.26
N ALA A 96 -8.21 9.40 0.02
CA ALA A 96 -8.81 9.21 -1.29
C ALA A 96 -8.02 9.96 -2.37
N MET A 97 -7.57 11.17 -2.06
CA MET A 97 -6.76 11.92 -3.02
C MET A 97 -5.48 11.18 -3.35
N GLU A 98 -4.86 10.56 -2.35
CA GLU A 98 -3.63 9.80 -2.61
C GLU A 98 -3.89 8.66 -3.57
N GLY A 99 -5.00 7.94 -3.39
CA GLY A 99 -5.30 6.83 -4.28
C GLY A 99 -5.41 7.27 -5.72
N LEU A 100 -6.15 8.36 -5.97
CA LEU A 100 -6.29 8.87 -7.33
C LEU A 100 -5.04 9.58 -7.81
N ALA A 101 -4.33 10.26 -6.91
CA ALA A 101 -3.22 11.12 -7.34
C ALA A 101 -1.92 10.33 -7.49
N ALA A 102 -1.63 9.41 -6.58
CA ALA A 102 -0.34 8.75 -6.53
C ALA A 102 -0.42 7.28 -6.89
N PHE A 103 -1.28 6.50 -6.22
CA PHE A 103 -1.31 5.06 -6.44
C PHE A 103 -1.57 4.74 -7.91
N PHE A 104 -2.58 5.38 -8.51
CA PHE A 104 -2.89 5.07 -9.90
C PHE A 104 -1.74 5.44 -10.82
N PHE A 105 -0.88 6.37 -10.41
CA PHE A 105 0.24 6.76 -11.24
C PHE A 105 1.42 5.81 -11.09
N GLU A 106 1.87 5.59 -9.85
CA GLU A 106 3.03 4.73 -9.65
C GLU A 106 2.72 3.28 -10.05
N SER A 107 1.55 2.78 -9.69
CA SER A 107 1.22 1.38 -10.00
C SER A 107 1.08 1.17 -11.50
N THR A 108 0.49 2.12 -12.21
CA THR A 108 0.31 1.96 -13.65
C THR A 108 1.63 2.13 -14.39
N PHE A 109 2.40 3.15 -14.02
CA PHE A 109 3.61 3.47 -14.76
C PHE A 109 4.80 2.60 -14.38
N ILE A 110 4.75 1.92 -13.23
CA ILE A 110 5.80 0.96 -12.92
C ILE A 110 5.70 -0.24 -13.85
N GLY A 111 4.48 -0.65 -14.19
CA GLY A 111 4.33 -1.73 -15.15
C GLY A 111 4.87 -1.37 -16.52
N LEU A 112 4.63 -0.15 -16.96
CA LEU A 112 5.18 0.30 -18.24
C LEU A 112 6.70 0.28 -18.22
N TRP A 113 7.30 0.74 -17.12
CA TRP A 113 8.76 0.77 -17.04
C TRP A 113 9.35 -0.63 -17.13
N ILE A 114 8.74 -1.58 -16.43
CA ILE A 114 9.29 -2.94 -16.39
C ILE A 114 9.25 -3.56 -17.78
N PHE A 115 8.10 -3.47 -18.45
CA PHE A 115 7.90 -4.18 -19.70
C PHE A 115 8.18 -3.33 -20.94
N GLY A 116 8.33 -2.02 -20.79
CA GLY A 116 8.48 -1.15 -21.93
C GLY A 116 9.92 -0.87 -22.31
N TRP A 117 10.84 -1.73 -21.85
CA TRP A 117 12.25 -1.49 -22.09
C TRP A 117 12.56 -1.46 -23.58
N ASN A 118 12.01 -2.42 -24.34
CA ASN A 118 12.25 -2.52 -25.76
C ASN A 118 11.04 -2.12 -26.60
N ARG A 119 9.93 -1.75 -25.98
CA ARG A 119 8.72 -1.39 -26.69
C ARG A 119 8.55 0.11 -26.84
N LEU A 120 8.54 0.84 -25.73
CA LEU A 120 8.38 2.28 -25.79
C LEU A 120 9.66 2.94 -26.29
N PRO A 121 9.57 4.11 -26.91
CA PRO A 121 10.78 4.86 -27.25
C PRO A 121 11.52 5.30 -26.00
N ARG A 122 12.83 5.47 -26.14
CA ARG A 122 13.68 5.75 -24.98
C ARG A 122 13.15 6.93 -24.19
N LEU A 123 12.79 8.02 -24.89
CA LEU A 123 12.34 9.22 -24.19
C LEU A 123 11.09 8.94 -23.36
N VAL A 124 10.10 8.28 -23.97
CA VAL A 124 8.87 7.98 -23.25
C VAL A 124 9.15 7.05 -22.09
N HIS A 125 9.95 6.00 -22.33
CA HIS A 125 10.27 5.06 -21.26
C HIS A 125 10.99 5.76 -20.12
N LEU A 126 11.85 6.72 -20.44
CA LEU A 126 12.52 7.49 -19.40
C LEU A 126 11.51 8.25 -18.55
N ALA A 127 10.48 8.82 -19.19
CA ALA A 127 9.47 9.56 -18.44
C ALA A 127 8.68 8.63 -17.52
N CYS A 128 8.58 7.34 -17.86
CA CYS A 128 7.79 6.43 -17.03
C CYS A 128 8.37 6.33 -15.63
N ILE A 129 9.69 6.18 -15.52
CA ILE A 129 10.31 6.07 -14.20
C ILE A 129 10.22 7.40 -13.47
N TRP A 130 10.38 8.51 -14.19
CA TRP A 130 10.27 9.82 -13.55
C TRP A 130 8.88 10.03 -12.98
N ILE A 131 7.84 9.60 -13.71
CA ILE A 131 6.48 9.71 -13.20
C ILE A 131 6.34 8.89 -11.92
N VAL A 132 6.92 7.70 -11.89
CA VAL A 132 6.90 6.90 -10.68
C VAL A 132 7.65 7.60 -9.55
N ALA A 133 8.78 8.24 -9.89
CA ALA A 133 9.56 8.95 -8.88
C ALA A 133 8.75 10.07 -8.24
N ILE A 134 8.02 10.84 -9.07
CA ILE A 134 7.17 11.89 -8.53
C ILE A 134 5.98 11.29 -7.80
N ALA A 135 5.41 10.20 -8.34
CA ALA A 135 4.22 9.63 -7.74
C ALA A 135 4.47 9.15 -6.32
N VAL A 136 5.60 8.49 -6.08
CA VAL A 136 5.89 8.00 -4.74
C VAL A 136 6.04 9.17 -3.77
N ASN A 137 6.71 10.24 -4.19
CA ASN A 137 6.86 11.40 -3.32
C ASN A 137 5.50 12.01 -2.98
N VAL A 138 4.62 12.13 -3.98
CA VAL A 138 3.28 12.65 -3.72
C VAL A 138 2.52 11.71 -2.80
N SER A 139 2.66 10.41 -3.01
CA SER A 139 2.01 9.44 -2.13
C SER A 139 2.38 9.71 -0.67
N ALA A 140 3.64 10.03 -0.41
CA ALA A 140 4.07 10.30 0.96
C ALA A 140 3.37 11.54 1.50
N PHE A 141 3.27 12.60 0.69
CA PHE A 141 2.74 13.86 1.19
C PHE A 141 1.31 13.70 1.68
N PHE A 142 0.45 13.10 0.86
CA PHE A 142 -0.95 12.96 1.25
C PHE A 142 -1.09 12.07 2.47
N ILE A 143 -0.36 10.95 2.51
CA ILE A 143 -0.44 10.06 3.67
C ILE A 143 0.07 10.76 4.91
N ILE A 144 1.26 11.36 4.82
CA ILE A 144 1.82 12.06 5.97
C ILE A 144 0.92 13.22 6.36
N ALA A 145 0.28 13.87 5.38
CA ALA A 145 -0.67 14.93 5.70
C ALA A 145 -1.83 14.37 6.52
N ALA A 146 -2.32 13.18 6.18
CA ALA A 146 -3.41 12.58 6.93
C ALA A 146 -3.00 12.34 8.38
N ASN A 147 -1.82 11.76 8.59
CA ASN A 147 -1.35 11.54 9.95
C ASN A 147 -1.09 12.86 10.66
N SER A 148 -0.55 13.85 9.94
CA SER A 148 -0.29 15.13 10.55
C SER A 148 -1.55 15.74 11.14
N PHE A 149 -2.71 15.44 10.56
CA PHE A 149 -3.97 15.89 11.15
C PHE A 149 -4.17 15.29 12.53
N MET A 150 -3.88 14.00 12.69
CA MET A 150 -3.99 13.38 14.00
C MET A 150 -3.03 14.01 15.00
N GLN A 151 -1.80 14.27 14.57
CA GLN A 151 -0.84 14.92 15.45
C GLN A 151 -1.26 16.34 15.78
N HIS A 152 -1.77 17.08 14.80
CA HIS A 152 -2.13 18.48 14.96
C HIS A 152 -3.38 18.76 14.15
N PRO A 153 -4.56 18.49 14.72
CA PRO A 153 -5.80 18.66 13.94
C PRO A 153 -6.17 20.11 13.72
N VAL A 154 -6.08 20.56 12.48
CA VAL A 154 -6.47 21.92 12.10
C VAL A 154 -7.30 21.83 10.83
N GLY A 155 -8.11 22.86 10.59
CA GLY A 155 -8.98 22.89 9.44
C GLY A 155 -10.27 22.11 9.59
N ALA A 156 -10.57 21.62 10.79
CA ALA A 156 -11.79 20.88 11.06
C ALA A 156 -12.41 21.38 12.36
N HIS A 157 -13.72 21.21 12.47
CA HIS A 157 -14.47 21.62 13.64
C HIS A 157 -15.39 20.50 14.08
N TYR A 158 -15.69 20.46 15.38
CA TYR A 158 -16.50 19.41 15.97
C TYR A 158 -17.98 19.79 15.89
N ASN A 159 -18.79 18.87 15.37
CA ASN A 159 -20.22 19.11 15.24
C ASN A 159 -20.96 18.33 16.32
N PRO A 160 -21.51 18.99 17.35
CA PRO A 160 -22.18 18.23 18.41
C PRO A 160 -23.36 17.40 17.91
N THR A 161 -24.07 17.89 16.90
CA THR A 161 -25.24 17.15 16.41
C THR A 161 -24.86 15.78 15.90
N THR A 162 -23.77 15.70 15.12
CA THR A 162 -23.31 14.43 14.59
C THR A 162 -22.23 13.79 15.45
N GLY A 163 -21.60 14.54 16.35
CA GLY A 163 -20.57 14.01 17.20
C GLY A 163 -19.36 13.51 16.44
N ARG A 164 -18.89 14.30 15.49
CA ARG A 164 -17.72 13.94 14.70
C ARG A 164 -17.06 15.20 14.17
N ALA A 165 -15.81 15.07 13.76
CA ALA A 165 -15.08 16.18 13.18
C ALA A 165 -15.42 16.33 11.70
N GLU A 166 -15.71 17.55 11.28
CA GLU A 166 -16.09 17.84 9.91
C GLU A 166 -15.12 18.85 9.30
N LEU A 167 -14.86 18.69 8.01
CA LEU A 167 -13.89 19.51 7.32
C LEU A 167 -14.42 20.93 7.13
N SER A 168 -13.50 21.89 7.10
CA SER A 168 -13.81 23.29 6.86
C SER A 168 -13.08 23.88 5.68
N SER A 169 -11.85 23.44 5.40
CA SER A 169 -11.11 23.92 4.23
C SER A 169 -9.98 22.95 3.96
N ILE A 170 -9.97 22.36 2.76
CA ILE A 170 -8.95 21.38 2.43
C ILE A 170 -7.58 22.05 2.36
N VAL A 171 -7.52 23.28 1.87
CA VAL A 171 -6.24 23.98 1.73
C VAL A 171 -5.56 24.08 3.08
N VAL A 172 -6.32 24.40 4.14
CA VAL A 172 -5.73 24.48 5.46
C VAL A 172 -5.25 23.11 5.92
N LEU A 173 -6.02 22.06 5.65
CA LEU A 173 -5.63 20.72 6.09
C LEU A 173 -4.33 20.28 5.45
N LEU A 174 -4.17 20.53 4.15
CA LEU A 174 -3.01 20.07 3.41
C LEU A 174 -1.81 21.00 3.52
N THR A 175 -1.95 22.14 4.23
CA THR A 175 -0.85 23.09 4.37
C THR A 175 -0.57 23.43 5.82
N ASN A 176 -0.94 22.55 6.75
CA ASN A 176 -0.61 22.78 8.15
C ASN A 176 0.88 22.54 8.39
N ASN A 177 1.38 23.07 9.49
CA ASN A 177 2.81 23.04 9.74
C ASN A 177 3.33 21.60 9.81
N THR A 178 2.61 20.73 10.50
CA THR A 178 3.12 19.38 10.72
C THR A 178 3.26 18.63 9.39
N ALA A 179 2.28 18.75 8.50
CA ALA A 179 2.33 18.03 7.23
C ALA A 179 3.55 18.45 6.42
N GLN A 180 3.80 19.75 6.34
CA GLN A 180 4.97 20.22 5.60
C GLN A 180 6.26 19.74 6.25
N ALA A 181 6.40 19.96 7.56
CA ALA A 181 7.62 19.56 8.24
C ALA A 181 7.79 18.05 8.24
N ALA A 182 6.69 17.31 8.50
CA ALA A 182 6.79 15.85 8.53
C ALA A 182 7.15 15.30 7.16
N PHE A 183 6.52 15.81 6.10
CA PHE A 183 6.80 15.29 4.76
C PHE A 183 8.23 15.56 4.35
N THR A 184 8.69 16.81 4.53
CA THR A 184 10.04 17.16 4.12
C THR A 184 11.10 16.41 4.94
N HIS A 185 10.72 15.83 6.07
CA HIS A 185 11.66 15.05 6.87
C HIS A 185 11.66 13.58 6.46
N THR A 186 10.49 12.99 6.29
CA THR A 186 10.43 11.59 5.88
C THR A 186 11.08 11.40 4.51
N VAL A 187 10.82 12.32 3.58
CA VAL A 187 11.44 12.23 2.26
C VAL A 187 12.96 12.27 2.39
N SER A 188 13.47 13.13 3.27
CA SER A 188 14.90 13.16 3.53
C SER A 188 15.38 11.82 4.08
N GLY A 189 14.61 11.22 4.99
CA GLY A 189 14.98 9.91 5.50
C GLY A 189 15.00 8.85 4.42
N ALA A 190 14.00 8.86 3.54
CA ALA A 190 13.97 7.88 2.45
C ALA A 190 15.16 8.08 1.51
N LEU A 191 15.49 9.34 1.21
CA LEU A 191 16.65 9.61 0.37
C LEU A 191 17.92 9.10 1.03
N LEU A 192 18.06 9.33 2.33
CA LEU A 192 19.23 8.82 3.05
C LEU A 192 19.30 7.31 2.97
N THR A 193 18.16 6.65 3.18
CA THR A 193 18.14 5.19 3.14
C THR A 193 18.55 4.67 1.77
N ALA A 194 17.99 5.25 0.71
CA ALA A 194 18.31 4.79 -0.64
C ALA A 194 19.77 5.07 -0.97
N GLY A 195 20.28 6.25 -0.63
CA GLY A 195 21.66 6.55 -0.90
C GLY A 195 22.61 5.63 -0.15
N THR A 196 22.32 5.35 1.12
CA THR A 196 23.16 4.43 1.87
C THR A 196 23.10 3.03 1.27
N PHE A 197 21.91 2.58 0.86
CA PHE A 197 21.79 1.27 0.24
C PHE A 197 22.64 1.19 -1.03
N VAL A 198 22.53 2.19 -1.90
CA VAL A 198 23.28 2.18 -3.14
C VAL A 198 24.78 2.21 -2.87
N ALA A 199 25.20 3.07 -1.93
CA ALA A 199 26.63 3.19 -1.65
C ALA A 199 27.18 1.89 -1.07
N ALA A 200 26.46 1.29 -0.12
CA ALA A 200 26.95 0.06 0.50
C ALA A 200 27.00 -1.07 -0.52
N VAL A 201 25.95 -1.22 -1.34
CA VAL A 201 25.97 -2.25 -2.36
C VAL A 201 27.10 -2.02 -3.34
N SER A 202 27.28 -0.76 -3.77
CA SER A 202 28.33 -0.45 -4.74
C SER A 202 29.71 -0.61 -4.12
N ALA A 203 29.92 -0.05 -2.93
CA ALA A 203 31.23 -0.13 -2.30
C ALA A 203 31.62 -1.58 -2.03
N TRP A 204 30.67 -2.38 -1.53
CA TRP A 204 30.92 -3.80 -1.34
C TRP A 204 31.37 -4.44 -2.65
N TRP A 205 30.68 -4.13 -3.74
CA TRP A 205 31.05 -4.69 -5.04
C TRP A 205 32.39 -4.12 -5.51
N LEU A 206 32.68 -2.86 -5.22
CA LEU A 206 34.00 -2.33 -5.54
C LEU A 206 35.10 -3.17 -4.90
N VAL A 207 34.98 -3.40 -3.59
CA VAL A 207 35.99 -4.19 -2.90
C VAL A 207 36.04 -5.60 -3.46
N ARG A 208 34.87 -6.21 -3.66
CA ARG A 208 34.82 -7.56 -4.20
C ARG A 208 35.58 -7.65 -5.52
N SER A 209 35.26 -6.76 -6.46
CA SER A 209 35.92 -6.79 -7.76
C SER A 209 37.42 -6.55 -7.62
N SER A 210 37.82 -5.63 -6.75
CA SER A 210 39.23 -5.33 -6.60
C SER A 210 40.01 -6.54 -6.07
N THR A 211 39.46 -7.26 -5.08
CA THR A 211 40.17 -8.39 -4.50
C THR A 211 39.76 -9.73 -5.07
N THR A 212 38.58 -9.86 -5.67
CA THR A 212 38.12 -11.12 -6.23
C THR A 212 37.32 -10.85 -7.49
N HIS A 213 37.19 -11.87 -8.33
CA HIS A 213 36.48 -11.72 -9.61
C HIS A 213 37.02 -10.53 -10.38
N ALA A 214 38.34 -10.40 -10.40
CA ALA A 214 38.99 -9.21 -10.95
C ALA A 214 38.48 -8.90 -12.34
N ASP A 215 37.99 -7.67 -12.52
CA ASP A 215 37.48 -7.23 -13.81
C ASP A 215 37.44 -5.71 -13.81
N SER A 216 38.13 -5.08 -14.75
CA SER A 216 38.14 -3.62 -14.81
C SER A 216 36.77 -3.07 -15.19
N ASP A 217 36.00 -3.83 -15.99
CA ASP A 217 34.73 -3.32 -16.48
C ASP A 217 33.74 -3.08 -15.34
N THR A 218 33.66 -4.00 -14.38
CA THR A 218 32.68 -3.88 -13.31
C THR A 218 33.07 -2.81 -12.30
N GLN A 219 34.35 -2.72 -11.93
CA GLN A 219 34.76 -1.70 -10.97
C GLN A 219 34.57 -0.30 -11.53
N ALA A 220 34.89 -0.11 -12.81
CA ALA A 220 34.68 1.19 -13.44
C ALA A 220 33.20 1.56 -13.51
N MET A 221 32.31 0.57 -13.35
CA MET A 221 30.89 0.85 -13.37
C MET A 221 30.38 1.27 -12.01
N TYR A 222 30.87 0.62 -10.94
CA TYR A 222 30.32 0.86 -9.60
C TYR A 222 30.86 2.12 -8.95
N ARG A 223 32.09 2.52 -9.28
CA ARG A 223 32.65 3.72 -8.64
C ARG A 223 31.75 4.92 -8.81
N PRO A 224 31.25 5.25 -10.00
CA PRO A 224 30.26 6.33 -10.09
C PRO A 224 29.05 6.09 -9.21
N ALA A 225 28.57 4.86 -9.14
CA ALA A 225 27.43 4.55 -8.29
C ALA A 225 27.74 4.79 -6.83
N THR A 226 28.93 4.36 -6.38
CA THR A 226 29.32 4.59 -5.00
C THR A 226 29.39 6.07 -4.68
N ILE A 227 30.01 6.85 -5.58
CA ILE A 227 30.13 8.29 -5.34
C ILE A 227 28.76 8.94 -5.31
N LEU A 228 27.88 8.57 -6.23
CA LEU A 228 26.54 9.15 -6.26
C LEU A 228 25.78 8.82 -4.98
N GLY A 229 25.86 7.56 -4.53
CA GLY A 229 25.18 7.18 -3.31
C GLY A 229 25.71 7.92 -2.11
N CYS A 230 27.03 8.05 -2.00
CA CYS A 230 27.61 8.78 -0.88
C CYS A 230 27.17 10.23 -0.88
N TRP A 231 27.20 10.88 -2.05
CA TRP A 231 26.80 12.28 -2.11
C TRP A 231 25.32 12.45 -1.76
N VAL A 232 24.47 11.53 -2.23
CA VAL A 232 23.06 11.59 -1.88
C VAL A 232 22.87 11.42 -0.38
N ALA A 233 23.60 10.47 0.22
CA ALA A 233 23.47 10.26 1.65
C ALA A 233 23.89 11.50 2.43
N LEU A 234 25.01 12.12 2.05
CA LEU A 234 25.43 13.34 2.72
C LEU A 234 24.41 14.46 2.55
N ALA A 235 23.88 14.62 1.33
CA ALA A 235 22.88 15.65 1.10
C ALA A 235 21.63 15.39 1.92
N ALA A 236 21.19 14.14 2.01
CA ALA A 236 20.01 13.81 2.79
C ALA A 236 20.24 14.12 4.27
N THR A 237 21.43 13.80 4.79
CA THR A 237 21.73 14.08 6.19
C THR A 237 21.62 15.56 6.49
N ALA A 238 22.17 16.40 5.61
CA ALA A 238 22.04 17.84 5.80
C ALA A 238 20.58 18.26 5.80
N GLY A 239 19.77 17.63 4.94
CA GLY A 239 18.34 17.91 4.97
C GLY A 239 17.67 17.44 6.25
N LEU A 240 18.09 16.27 6.75
CA LEU A 240 17.48 15.73 7.96
C LEU A 240 17.70 16.65 9.15
N LEU A 241 18.92 17.19 9.29
CA LEU A 241 19.19 18.08 10.41
C LEU A 241 18.31 19.32 10.36
N PHE A 242 18.16 19.93 9.19
CA PHE A 242 17.35 21.13 9.07
C PHE A 242 15.88 20.81 9.31
N THR A 243 15.36 19.76 8.66
CA THR A 243 13.98 19.36 8.89
C THR A 243 13.77 18.88 10.32
N GLY A 244 14.74 18.14 10.85
CA GLY A 244 14.64 17.69 12.23
C GLY A 244 14.55 18.86 13.20
N ASP A 245 15.35 19.89 12.96
CA ASP A 245 15.27 21.08 13.81
C ASP A 245 13.89 21.71 13.72
N HIS A 246 13.33 21.80 12.51
CA HIS A 246 12.01 22.38 12.35
C HIS A 246 10.95 21.56 13.08
N GLN A 247 11.06 20.23 13.00
CA GLN A 247 10.08 19.38 13.69
C GLN A 247 10.09 19.64 15.19
N GLY A 248 11.27 19.84 15.77
CA GLY A 248 11.35 20.15 17.19
C GLY A 248 10.63 21.45 17.52
N LYS A 249 10.68 22.42 16.61
CA LYS A 249 9.99 23.68 16.84
C LYS A 249 8.48 23.45 16.99
N LEU A 250 7.90 22.64 16.12
CA LEU A 250 6.46 22.41 16.16
C LEU A 250 6.09 21.51 17.33
N MET A 251 6.87 20.45 17.56
CA MET A 251 6.50 19.48 18.60
C MET A 251 6.42 20.16 19.97
N PHE A 252 7.34 21.08 20.25
CA PHE A 252 7.33 21.73 21.56
C PHE A 252 6.05 22.53 21.77
N GLN A 253 5.59 23.26 20.75
CA GLN A 253 4.44 24.13 20.87
C GLN A 253 3.14 23.47 20.43
N GLN A 254 3.17 22.20 20.03
CA GLN A 254 1.98 21.49 19.59
C GLN A 254 1.63 20.33 20.51
N GLN A 255 2.61 19.51 20.90
CA GLN A 255 2.41 18.37 21.79
C GLN A 255 3.46 18.44 22.90
N PRO A 256 3.25 19.30 23.90
CA PRO A 256 4.25 19.40 24.97
C PRO A 256 4.52 18.07 25.66
N MET A 257 3.52 17.21 25.77
CA MET A 257 3.74 15.90 26.38
C MET A 257 4.78 15.09 25.61
N LYS A 258 4.69 15.10 24.28
CA LYS A 258 5.65 14.36 23.47
C LYS A 258 7.06 14.91 23.66
N MET A 259 7.21 16.22 23.69
CA MET A 259 8.52 16.81 23.91
C MET A 259 9.09 16.41 25.26
N ALA A 260 8.24 16.42 26.30
CA ALA A 260 8.66 15.95 27.61
C ALA A 260 8.89 14.44 27.64
N SER A 261 8.46 13.72 26.61
CA SER A 261 8.69 12.28 26.55
C SER A 261 10.04 11.95 25.90
N ALA A 262 10.47 12.76 24.92
CA ALA A 262 11.78 12.53 24.31
C ALA A 262 12.86 12.53 25.37
N GLU A 263 12.86 13.55 26.24
CA GLU A 263 13.66 13.55 27.44
C GLU A 263 12.71 13.47 28.63
N SER A 264 12.80 12.38 29.38
CA SER A 264 11.82 12.07 30.42
C SER A 264 11.99 13.05 31.58
N LEU A 265 11.37 14.21 31.43
CA LEU A 265 11.40 15.24 32.46
C LEU A 265 10.31 14.95 33.49
N CYS A 266 10.72 14.59 34.70
CA CYS A 266 9.76 14.34 35.75
C CYS A 266 8.98 15.60 36.11
N ASP A 267 9.65 16.74 36.17
CA ASP A 267 9.03 17.99 36.56
C ASP A 267 9.54 19.11 35.66
N THR A 268 8.76 20.19 35.60
CA THR A 268 9.13 21.31 34.76
C THR A 268 10.50 21.85 35.13
N GLN A 269 11.30 22.16 34.10
CA GLN A 269 12.65 22.64 34.30
C GLN A 269 12.96 23.72 33.27
N THR A 270 13.96 24.54 33.59
CA THR A 270 14.45 25.58 32.70
C THR A 270 15.82 25.17 32.17
N ASP A 271 15.99 25.23 30.86
CA ASP A 271 17.22 24.80 30.22
C ASP A 271 17.51 23.35 30.59
N PRO A 272 16.62 22.42 30.25
CA PRO A 272 16.85 21.02 30.62
C PRO A 272 18.05 20.43 29.89
N ASN A 273 18.67 19.44 30.53
CA ASN A 273 19.83 18.75 29.98
C ASN A 273 19.40 17.47 29.27
N PHE A 274 20.08 17.17 28.17
CA PHE A 274 19.79 15.98 27.38
C PHE A 274 20.66 14.84 27.85
N SER A 275 20.03 13.79 28.37
CA SER A 275 20.75 12.62 28.90
C SER A 275 20.67 11.48 27.89
N VAL A 276 21.79 10.78 27.71
CA VAL A 276 21.84 9.71 26.68
C VAL A 276 21.42 8.36 27.29
N LEU A 277 21.77 8.07 28.54
CA LEU A 277 21.47 6.79 29.15
C LEU A 277 20.67 7.00 30.43
N THR A 278 19.66 6.16 30.63
CA THR A 278 18.86 6.17 31.84
C THR A 278 18.50 4.74 32.20
N VAL A 279 18.39 4.48 33.50
CA VAL A 279 18.04 3.15 33.99
C VAL A 279 17.02 3.27 35.12
N LEU A 288 15.38 9.17 37.95
CA LEU A 288 16.22 8.40 37.04
C LEU A 288 17.69 8.80 37.20
N THR A 289 18.59 7.96 36.66
CA THR A 289 20.01 8.19 36.85
C THR A 289 20.53 9.35 36.01
N ARG A 290 20.05 9.50 34.79
CA ARG A 290 20.50 10.56 33.88
C ARG A 290 22.00 10.43 33.63
N VAL A 291 22.46 9.32 33.07
CA VAL A 291 23.90 9.12 32.78
C VAL A 291 24.31 10.01 31.61
N ILE A 292 25.50 10.65 31.66
CA ILE A 292 26.17 11.42 30.57
C ILE A 292 25.22 12.42 29.91
N GLU A 293 24.82 13.45 30.64
CA GLU A 293 23.90 14.52 30.16
C GLU A 293 24.58 15.43 29.13
N VAL A 294 23.78 16.13 28.32
CA VAL A 294 24.21 16.95 27.19
C VAL A 294 23.33 18.19 27.16
N PRO A 295 23.81 19.34 27.62
CA PRO A 295 23.01 20.57 27.58
C PRO A 295 23.05 21.23 26.21
N TYR A 296 22.33 22.34 26.10
CA TYR A 296 22.24 23.18 24.91
C TYR A 296 21.53 22.50 23.74
N VAL A 297 21.04 21.27 23.92
CA VAL A 297 20.40 20.55 22.82
C VAL A 297 18.89 20.76 22.88
N LEU A 298 18.28 20.37 24.00
CA LEU A 298 16.83 20.51 24.15
C LEU A 298 16.33 21.92 23.92
N PRO A 299 16.91 22.97 24.52
CA PRO A 299 16.42 24.32 24.24
C PRO A 299 16.52 24.70 22.77
N PHE A 300 17.59 24.28 22.10
CA PHE A 300 17.71 24.57 20.67
C PHE A 300 16.67 23.80 19.87
N LEU A 301 16.45 22.54 20.19
CA LEU A 301 15.40 21.77 19.53
C LEU A 301 14.02 22.33 19.82
N ALA A 302 13.88 23.13 20.89
CA ALA A 302 12.59 23.71 21.24
C ALA A 302 12.35 25.00 20.48
N GLU A 303 13.26 25.98 20.63
CA GLU A 303 13.13 27.25 19.90
C GLU A 303 14.47 27.73 19.36
N GLY A 304 15.39 26.81 19.08
CA GLY A 304 16.63 27.19 18.44
C GLY A 304 17.47 28.16 19.24
N ARG A 305 17.22 28.29 20.53
CA ARG A 305 17.97 29.19 21.40
C ARG A 305 18.76 28.36 22.41
N ILE A 306 20.00 28.79 22.67
CA ILE A 306 20.85 28.03 23.58
C ILE A 306 20.26 28.03 24.99
N SER A 307 19.63 29.13 25.39
CA SER A 307 19.07 29.24 26.73
C SER A 307 17.89 30.20 26.70
N GLY A 308 17.06 30.11 27.73
CA GLY A 308 15.90 30.98 27.86
C GLY A 308 14.60 30.29 27.49
N VAL A 309 14.42 29.06 27.96
CA VAL A 309 13.20 28.29 27.68
C VAL A 309 12.93 27.38 28.86
N THR A 310 11.64 27.18 29.14
CA THR A 310 11.18 26.28 30.18
C THR A 310 10.35 25.17 29.55
N LEU A 311 10.72 23.93 29.85
CA LEU A 311 10.01 22.76 29.33
C LEU A 311 9.14 22.17 30.43
N GLN A 312 7.85 22.03 30.15
CA GLN A 312 6.92 21.49 31.14
C GLN A 312 7.27 20.04 31.46
N GLY A 313 7.15 19.69 32.74
CA GLY A 313 7.42 18.33 33.16
C GLY A 313 6.29 17.38 32.79
N ILE A 314 6.60 16.09 32.90
CA ILE A 314 5.61 15.06 32.60
C ILE A 314 4.42 15.18 33.56
N ARG A 315 4.71 15.30 34.85
CA ARG A 315 3.85 15.46 36.01
C ARG A 315 3.07 16.76 35.95
N ASP A 316 3.75 17.86 35.60
CA ASP A 316 3.06 19.14 35.48
C ASP A 316 2.00 19.10 34.38
N LEU A 317 2.33 18.49 33.23
CA LEU A 317 1.36 18.36 32.16
C LEU A 317 0.23 17.42 32.54
N GLN A 318 0.53 16.39 33.34
CA GLN A 318 -0.50 15.43 33.73
C GLN A 318 -1.65 16.13 34.46
N GLN A 319 -1.33 16.98 35.44
CA GLN A 319 -2.37 17.70 36.16
C GLN A 319 -3.13 18.62 35.23
N GLU A 320 -2.41 19.35 34.38
CA GLU A 320 -3.07 20.28 33.46
C GLU A 320 -4.00 19.54 32.51
N TYR A 321 -3.54 18.42 31.95
CA TYR A 321 -4.38 17.66 31.03
C TYR A 321 -5.58 17.08 31.76
N GLN A 322 -5.38 16.56 32.98
CA GLN A 322 -6.50 16.02 33.73
C GLN A 322 -7.55 17.08 34.00
N GLN A 323 -7.12 18.28 34.39
CA GLN A 323 -8.06 19.37 34.63
C GLN A 323 -8.77 19.78 33.35
N ARG A 324 -8.03 19.84 32.24
CA ARG A 324 -8.61 20.35 30.99
C ARG A 324 -9.61 19.38 30.39
N PHE A 325 -9.29 18.08 30.40
CA PHE A 325 -10.10 17.09 29.71
C PHE A 325 -10.86 16.18 30.67
N GLY A 326 -10.17 15.52 31.59
CA GLY A 326 -10.82 14.68 32.56
C GLY A 326 -9.91 13.62 33.15
N PRO A 327 -10.42 12.86 34.11
CA PRO A 327 -9.60 11.82 34.74
C PRO A 327 -9.15 10.77 33.73
N ASN A 328 -7.84 10.66 33.56
CA ASN A 328 -7.23 9.68 32.65
C ASN A 328 -5.72 9.78 32.79
N ASP A 329 -5.04 8.73 32.36
CA ASP A 329 -3.58 8.69 32.39
C ASP A 329 -3.06 9.13 31.02
N TYR A 330 -2.44 10.31 30.98
CA TYR A 330 -1.94 10.88 29.74
C TYR A 330 -0.44 10.66 29.54
N ARG A 331 0.18 9.86 30.39
CA ARG A 331 1.61 9.62 30.27
C ARG A 331 1.89 8.58 29.19
N PRO A 332 2.65 8.91 28.15
CA PRO A 332 3.01 7.88 27.15
C PRO A 332 3.96 6.85 27.74
N ASN A 333 4.35 5.86 26.94
CA ASN A 333 5.31 4.85 27.38
C ASN A 333 6.69 5.48 27.37
N LEU A 334 7.06 6.10 28.49
CA LEU A 334 8.28 6.89 28.55
C LEU A 334 9.48 6.11 28.04
N PHE A 335 9.61 4.85 28.46
CA PHE A 335 10.76 4.06 28.04
C PHE A 335 10.84 3.95 26.53
N VAL A 336 9.73 3.57 25.90
CA VAL A 336 9.77 3.28 24.47
C VAL A 336 10.04 4.54 23.67
N THR A 337 9.34 5.64 23.97
CA THR A 337 9.58 6.87 23.24
C THR A 337 11.00 7.37 23.47
N TYR A 338 11.47 7.34 24.73
CA TYR A 338 12.82 7.78 25.03
C TYR A 338 13.85 7.03 24.19
N TRP A 339 13.78 5.69 24.21
CA TRP A 339 14.80 4.92 23.53
C TRP A 339 14.64 4.94 22.02
N SER A 340 13.41 5.03 21.51
CA SER A 340 13.23 5.18 20.07
C SER A 340 13.82 6.49 19.59
N PHE A 341 13.60 7.58 20.34
CA PHE A 341 14.20 8.86 19.96
C PHE A 341 15.72 8.77 20.01
N ARG A 342 16.27 8.16 21.06
CA ARG A 342 17.72 8.04 21.16
C ARG A 342 18.29 7.24 19.99
N MET A 343 17.66 6.12 19.66
CA MET A 343 18.15 5.29 18.55
C MET A 343 18.05 6.04 17.24
N MET A 344 16.91 6.68 16.98
CA MET A 344 16.72 7.41 15.73
C MET A 344 17.75 8.53 15.60
N ILE A 345 18.01 9.28 16.67
CA ILE A 345 19.03 10.31 16.61
C ILE A 345 20.41 9.68 16.46
N GLY A 346 20.68 8.63 17.22
CA GLY A 346 22.01 8.04 17.26
C GLY A 346 22.39 7.18 16.09
N LEU A 347 21.43 6.79 15.25
CA LEU A 347 21.73 5.96 14.09
C LEU A 347 22.23 6.76 12.90
N MET A 348 22.28 8.09 12.99
CA MET A 348 22.86 8.89 11.92
C MET A 348 24.36 8.69 11.82
N ALA A 349 25.01 8.26 12.90
CA ALA A 349 26.47 8.16 12.89
C ALA A 349 26.96 7.17 11.84
N ILE A 350 26.27 6.03 11.71
CA ILE A 350 26.75 4.95 10.84
C ILE A 350 26.71 5.42 9.38
N PRO A 351 25.55 5.74 8.81
CA PRO A 351 25.54 6.12 7.39
C PRO A 351 26.41 7.33 7.09
N VAL A 352 26.39 8.33 7.97
CA VAL A 352 27.22 9.51 7.75
C VAL A 352 28.70 9.15 7.83
N LEU A 353 29.08 8.36 8.83
CA LEU A 353 30.47 7.93 8.94
C LEU A 353 30.88 7.11 7.73
N PHE A 354 30.01 6.19 7.29
CA PHE A 354 30.33 5.36 6.15
C PHE A 354 30.52 6.21 4.89
N ALA A 355 29.67 7.21 4.69
CA ALA A 355 29.76 8.03 3.49
C ALA A 355 31.10 8.75 3.42
N LEU A 356 31.55 9.33 4.54
CA LEU A 356 32.81 10.06 4.52
C LEU A 356 33.98 9.14 4.19
N ILE A 357 34.02 7.97 4.80
CA ILE A 357 35.11 7.03 4.53
C ILE A 357 35.06 6.58 3.07
N ALA A 358 33.88 6.27 2.56
CA ALA A 358 33.77 5.78 1.19
C ALA A 358 34.26 6.82 0.20
N LEU A 359 33.88 8.09 0.39
CA LEU A 359 34.35 9.13 -0.50
C LEU A 359 35.87 9.28 -0.43
N TRP A 360 36.43 9.20 0.77
CA TRP A 360 37.88 9.35 0.92
C TRP A 360 38.62 8.25 0.18
N LEU A 361 38.15 7.01 0.31
CA LEU A 361 38.84 5.90 -0.35
C LEU A 361 38.80 6.05 -1.87
N THR A 362 37.68 6.47 -2.42
CA THR A 362 37.51 6.61 -3.86
C THR A 362 38.05 7.92 -4.40
N ARG A 363 38.70 8.73 -3.56
CA ARG A 363 39.22 10.01 -4.02
C ARG A 363 40.31 9.81 -5.07
N GLY A 364 40.31 10.71 -6.05
CA GLY A 364 41.35 10.69 -7.07
C GLY A 364 41.39 9.44 -7.90
N GLY A 365 40.24 8.84 -8.18
CA GLY A 365 40.17 7.67 -9.04
C GLY A 365 40.60 6.38 -8.40
N GLN A 366 40.92 6.37 -7.11
CA GLN A 366 41.37 5.15 -6.46
C GLN A 366 40.20 4.20 -6.25
N ILE A 367 40.53 2.93 -6.02
CA ILE A 367 39.54 1.88 -5.81
C ILE A 367 39.88 1.17 -4.50
N PRO A 368 38.98 1.12 -3.53
CA PRO A 368 39.31 0.47 -2.25
C PRO A 368 39.51 -1.03 -2.43
N ASN A 369 40.39 -1.59 -1.59
CA ASN A 369 40.65 -3.02 -1.58
C ASN A 369 40.82 -3.53 -0.16
N GLN A 370 40.16 -2.91 0.81
CA GLN A 370 40.26 -3.29 2.21
C GLN A 370 39.07 -4.17 2.56
N ARG A 371 39.35 -5.33 3.17
CA ARG A 371 38.28 -6.25 3.54
C ARG A 371 37.36 -5.62 4.58
N TRP A 372 37.93 -4.93 5.57
CA TRP A 372 37.10 -4.32 6.61
C TRP A 372 36.14 -3.29 6.03
N PHE A 373 36.50 -2.68 4.91
CA PHE A 373 35.59 -1.72 4.28
C PHE A 373 34.32 -2.42 3.82
N SER A 374 34.43 -3.64 3.29
CA SER A 374 33.25 -4.39 2.90
C SER A 374 32.36 -4.66 4.11
N TRP A 375 32.96 -5.04 5.24
CA TRP A 375 32.18 -5.28 6.45
C TRP A 375 31.47 -4.02 6.91
N LEU A 376 32.17 -2.88 6.86
CA LEU A 376 31.54 -1.61 7.22
C LEU A 376 30.37 -1.31 6.29
N ALA A 377 30.53 -1.57 5.00
CA ALA A 377 29.44 -1.35 4.05
C ALA A 377 28.24 -2.23 4.38
N LEU A 378 28.49 -3.49 4.69
CA LEU A 378 27.39 -4.39 5.02
C LEU A 378 26.68 -3.95 6.29
N LEU A 379 27.44 -3.56 7.31
CA LEU A 379 26.85 -3.16 8.58
C LEU A 379 26.09 -1.84 8.50
N THR A 380 26.22 -1.10 7.40
CA THR A 380 25.58 0.21 7.29
C THR A 380 24.21 0.15 6.66
N MET A 381 23.93 -0.88 5.86
CA MET A 381 22.61 -0.97 5.22
C MET A 381 21.48 -1.03 6.23
N PRO A 382 21.55 -1.81 7.30
CA PRO A 382 20.43 -1.84 8.26
C PRO A 382 20.18 -0.50 8.94
N ALA A 383 21.21 0.31 9.13
CA ALA A 383 21.07 1.50 9.97
C ALA A 383 19.99 2.45 9.47
N PRO A 384 19.94 2.84 8.20
CA PRO A 384 18.84 3.71 7.76
C PRO A 384 17.47 3.15 8.01
N PHE A 385 17.27 1.84 7.80
CA PHE A 385 15.95 1.25 8.02
C PHE A 385 15.55 1.32 9.49
N LEU A 386 16.49 0.98 10.38
CA LEU A 386 16.19 1.05 11.80
C LEU A 386 15.93 2.48 12.24
N ALA A 387 16.70 3.44 11.72
CA ALA A 387 16.48 4.83 12.07
C ALA A 387 15.10 5.29 11.62
N ASN A 388 14.72 4.95 10.39
CA ASN A 388 13.41 5.34 9.89
C ASN A 388 12.29 4.72 10.71
N SER A 389 12.43 3.44 11.06
CA SER A 389 11.40 2.79 11.87
C SER A 389 11.31 3.44 13.24
N ALA A 390 12.45 3.76 13.85
CA ALA A 390 12.45 4.35 15.18
C ALA A 390 11.73 5.69 15.20
N GLY A 391 11.97 6.51 14.18
CA GLY A 391 11.31 7.82 14.15
C GLY A 391 9.81 7.71 14.15
N TRP A 392 9.26 6.82 13.33
CA TRP A 392 7.81 6.65 13.28
C TRP A 392 7.29 6.05 14.58
N VAL A 393 8.05 5.17 15.21
CA VAL A 393 7.63 4.63 16.50
C VAL A 393 7.55 5.75 17.53
N PHE A 394 8.54 6.65 17.53
CA PHE A 394 8.54 7.73 18.50
C PHE A 394 7.34 8.65 18.31
N THR A 395 7.14 9.13 17.08
CA THR A 395 6.06 10.09 16.84
C THR A 395 4.71 9.49 17.11
N GLU A 396 4.54 8.18 16.90
CA GLU A 396 3.26 7.54 17.13
C GLU A 396 3.09 7.19 18.61
N MET A 397 4.06 6.49 19.19
CA MET A 397 3.97 6.17 20.61
C MET A 397 4.18 7.39 21.50
N GLY A 398 4.63 8.51 20.93
CA GLY A 398 4.75 9.73 21.69
C GLY A 398 3.42 10.43 21.95
N ARG A 399 2.37 10.03 21.25
CA ARG A 399 1.02 10.55 21.47
C ARG A 399 0.09 9.44 21.94
N GLN A 400 0.61 8.50 22.73
CA GLN A 400 -0.11 7.27 23.02
C GLN A 400 -1.52 7.48 23.54
N PRO A 401 -1.77 8.33 24.54
CA PRO A 401 -3.15 8.45 25.05
C PRO A 401 -4.14 8.91 24.00
N TRP A 402 -3.71 9.67 23.01
CA TRP A 402 -4.58 10.26 22.01
C TRP A 402 -4.38 9.60 20.65
N VAL A 403 -5.48 9.37 19.94
CA VAL A 403 -5.41 9.04 18.52
C VAL A 403 -5.64 10.26 17.65
N VAL A 404 -6.24 11.32 18.18
CA VAL A 404 -6.35 12.61 17.52
C VAL A 404 -5.98 13.64 18.58
N VAL A 405 -4.72 14.07 18.57
CA VAL A 405 -4.23 14.92 19.67
C VAL A 405 -5.01 16.23 19.68
N PRO A 406 -5.44 16.73 20.84
CA PRO A 406 -6.10 18.05 20.85
C PRO A 406 -5.14 19.14 20.42
N ASN A 407 -5.67 20.14 19.71
CA ASN A 407 -4.87 21.25 19.23
C ASN A 407 -4.86 22.36 20.26
N PRO A 408 -3.70 22.78 20.77
CA PRO A 408 -3.71 23.86 21.77
C PRO A 408 -4.34 25.14 21.27
N THR A 409 -4.25 25.43 19.97
CA THR A 409 -4.80 26.64 19.38
C THR A 409 -5.84 26.30 18.32
N GLY A 410 -6.73 25.36 18.64
CA GLY A 410 -7.78 24.97 17.72
C GLY A 410 -9.06 24.61 18.44
N ASP A 411 -9.85 23.71 17.84
CA ASP A 411 -11.10 23.26 18.45
C ASP A 411 -10.78 22.18 19.47
N GLN A 412 -10.91 22.53 20.75
CA GLN A 412 -10.55 21.59 21.81
C GLN A 412 -11.42 20.35 21.80
N LEU A 413 -12.61 20.41 21.19
CA LEU A 413 -13.48 19.25 21.12
C LEU A 413 -13.05 18.24 20.07
N VAL A 414 -12.08 18.58 19.23
CA VAL A 414 -11.57 17.64 18.22
C VAL A 414 -10.44 16.87 18.89
N ARG A 415 -10.82 15.82 19.63
CA ARG A 415 -9.86 14.99 20.33
C ARG A 415 -10.49 13.62 20.56
N LEU A 416 -9.68 12.58 20.51
CA LEU A 416 -10.17 11.22 20.67
C LEU A 416 -9.09 10.36 21.31
N THR A 417 -9.43 9.71 22.42
CA THR A 417 -8.51 8.78 23.04
C THR A 417 -8.51 7.46 22.29
N VAL A 418 -7.42 6.70 22.45
CA VAL A 418 -7.30 5.44 21.72
C VAL A 418 -8.39 4.46 22.17
N LYS A 419 -8.64 4.38 23.48
CA LYS A 419 -9.63 3.45 23.98
C LYS A 419 -11.00 3.68 23.35
N ALA A 420 -11.32 4.93 23.01
CA ALA A 420 -12.60 5.26 22.41
C ALA A 420 -12.60 5.11 20.89
N GLY A 421 -11.46 4.79 20.29
CA GLY A 421 -11.38 4.66 18.85
C GLY A 421 -11.32 3.23 18.37
N VAL A 422 -11.30 2.28 19.29
CA VAL A 422 -11.16 0.87 18.96
C VAL A 422 -12.52 0.28 18.67
N SER A 423 -12.59 -0.61 17.69
CA SER A 423 -13.82 -1.30 17.37
C SER A 423 -14.18 -2.31 18.46
N ASP A 424 -15.46 -2.65 18.55
CA ASP A 424 -15.94 -3.62 19.53
C ASP A 424 -15.75 -5.01 18.95
N HIS A 425 -14.58 -5.59 19.17
CA HIS A 425 -14.22 -6.91 18.66
C HIS A 425 -13.86 -7.81 19.84
N SER A 426 -14.21 -9.09 19.71
CA SER A 426 -13.81 -10.06 20.71
C SER A 426 -12.30 -10.25 20.70
N ALA A 427 -11.73 -10.50 21.88
CA ALA A 427 -10.29 -10.63 21.98
C ALA A 427 -9.77 -11.76 21.09
N THR A 428 -10.49 -12.88 21.06
CA THR A 428 -10.04 -14.02 20.27
C THR A 428 -9.99 -13.67 18.78
N VAL A 429 -10.98 -12.94 18.30
CA VAL A 429 -11.05 -12.62 16.87
C VAL A 429 -9.84 -11.81 16.44
N VAL A 430 -9.48 -10.79 17.23
CA VAL A 430 -8.35 -9.95 16.88
C VAL A 430 -7.05 -10.72 17.02
N ALA A 431 -6.96 -11.59 18.02
CA ALA A 431 -5.71 -12.31 18.28
C ALA A 431 -5.28 -13.13 17.07
N THR A 432 -6.23 -13.82 16.44
CA THR A 432 -5.88 -14.62 15.26
C THR A 432 -5.37 -13.73 14.13
N SER A 433 -6.00 -12.57 13.94
CA SER A 433 -5.54 -11.65 12.90
C SER A 433 -4.11 -11.19 13.17
N LEU A 434 -3.80 -10.90 14.44
CA LEU A 434 -2.43 -10.51 14.78
C LEU A 434 -1.44 -11.61 14.45
N LEU A 435 -1.77 -12.86 14.79
CA LEU A 435 -0.89 -13.97 14.46
C LEU A 435 -0.78 -14.16 12.96
N MET A 436 -1.90 -14.04 12.24
CA MET A 436 -1.87 -14.25 10.80
C MET A 436 -0.96 -13.25 10.10
N PHE A 437 -1.07 -11.97 10.47
CA PHE A 437 -0.22 -10.97 9.84
C PHE A 437 1.23 -11.08 10.29
N THR A 438 1.45 -11.37 11.57
CA THR A 438 2.82 -11.44 12.08
C THR A 438 3.61 -12.53 11.38
N LEU A 439 3.06 -13.75 11.31
CA LEU A 439 3.80 -14.86 10.71
C LEU A 439 3.99 -14.65 9.21
N VAL A 440 2.91 -14.27 8.52
CA VAL A 440 3.00 -14.10 7.07
C VAL A 440 3.99 -12.99 6.73
N TYR A 441 3.90 -11.86 7.42
CA TYR A 441 4.81 -10.76 7.14
C TYR A 441 6.25 -11.13 7.50
N ALA A 442 6.44 -11.88 8.59
CA ALA A 442 7.79 -12.30 8.96
C ALA A 442 8.40 -13.18 7.88
N VAL A 443 7.61 -14.15 7.39
CA VAL A 443 8.11 -15.04 6.34
C VAL A 443 8.42 -14.25 5.08
N LEU A 444 7.52 -13.33 4.69
CA LEU A 444 7.76 -12.55 3.49
C LEU A 444 8.98 -11.66 3.64
N ALA A 445 9.20 -11.08 4.83
CA ALA A 445 10.38 -10.25 5.04
C ALA A 445 11.64 -11.08 4.97
N VAL A 446 11.63 -12.29 5.54
CA VAL A 446 12.81 -13.15 5.46
C VAL A 446 13.11 -13.49 4.01
N ILE A 447 12.07 -13.82 3.23
CA ILE A 447 12.27 -14.15 1.82
C ILE A 447 12.79 -12.94 1.07
N TRP A 448 12.28 -11.75 1.40
CA TRP A 448 12.73 -10.54 0.73
C TRP A 448 14.21 -10.27 1.02
N CYS A 449 14.61 -10.43 2.27
CA CYS A 449 16.03 -10.24 2.61
C CYS A 449 16.89 -11.27 1.89
N TRP A 450 16.45 -12.52 1.83
CA TRP A 450 17.24 -13.54 1.15
C TRP A 450 17.34 -13.25 -0.34
N LEU A 451 16.25 -12.80 -0.96
CA LEU A 451 16.29 -12.47 -2.38
C LEU A 451 17.24 -11.30 -2.64
N LEU A 452 17.19 -10.27 -1.78
CA LEU A 452 18.11 -9.15 -1.95
C LEU A 452 19.54 -9.61 -1.82
N LYS A 453 19.83 -10.47 -0.84
CA LYS A 453 21.19 -10.99 -0.70
C LYS A 453 21.61 -11.75 -1.95
N ARG A 454 20.74 -12.63 -2.45
CA ARG A 454 21.09 -13.45 -3.61
C ARG A 454 21.36 -12.58 -4.83
N TYR A 455 20.55 -11.55 -5.04
CA TYR A 455 20.74 -10.71 -6.21
C TYR A 455 21.92 -9.77 -6.05
N ILE A 456 22.24 -9.36 -4.82
CA ILE A 456 23.40 -8.50 -4.61
C ILE A 456 24.69 -9.28 -4.83
N VAL A 457 24.74 -10.52 -4.35
CA VAL A 457 25.96 -11.31 -4.51
C VAL A 457 26.25 -11.66 -5.96
N GLU A 458 25.28 -11.49 -6.86
CA GLU A 458 25.48 -11.77 -8.27
C GLU A 458 25.90 -10.54 -9.07
N GLY A 459 25.48 -9.36 -8.65
CA GLY A 459 25.84 -8.14 -9.34
C GLY A 459 25.29 -8.09 -10.77
N PRO A 460 26.07 -7.56 -11.70
CA PRO A 460 25.56 -7.40 -13.06
C PRO A 460 25.31 -8.75 -13.73
N LEU A 461 24.13 -8.90 -14.31
CA LEU A 461 23.79 -10.12 -15.02
C LEU A 461 24.35 -10.08 -16.43
N GLU A 462 24.63 -11.27 -16.98
CA GLU A 462 25.28 -11.35 -18.28
C GLU A 462 24.42 -10.74 -19.37
N HIS A 463 23.11 -11.00 -19.34
CA HIS A 463 22.22 -10.56 -20.40
C HIS A 463 21.78 -9.10 -20.26
N ASP A 464 22.28 -8.38 -19.27
CA ASP A 464 22.10 -6.94 -19.17
C ASP A 464 23.38 -6.17 -19.43
N ALA A 465 24.34 -6.78 -20.13
CA ALA A 465 25.63 -6.16 -20.39
C ALA A 465 25.66 -5.38 -21.69
N GLU A 466 24.55 -5.30 -22.42
CA GLU A 466 24.51 -4.59 -23.69
C GLU A 466 23.15 -3.94 -23.88
N PRO A 467 23.07 -2.60 -23.99
CA PRO A 467 21.75 -1.98 -24.22
C PRO A 467 21.07 -2.44 -25.48
N ALA A 468 21.82 -2.72 -26.54
CA ALA A 468 21.24 -3.16 -27.80
C ALA A 468 20.24 -2.14 -28.33
N MET B 1 -28.86 15.81 -0.55
CA MET B 1 -28.74 16.58 -1.82
C MET B 1 -28.09 15.74 -2.91
N VAL B 2 -27.94 16.31 -4.10
CA VAL B 2 -27.52 15.56 -5.27
C VAL B 2 -26.17 14.89 -5.02
N LEU B 3 -25.25 15.60 -4.37
CA LEU B 3 -23.89 15.09 -4.22
C LEU B 3 -23.87 13.71 -3.57
N GLN B 4 -24.80 13.44 -2.65
CA GLN B 4 -24.80 12.14 -1.98
C GLN B 4 -25.03 11.01 -2.98
N GLU B 5 -26.09 11.12 -3.79
CA GLU B 5 -26.33 10.09 -4.80
C GLU B 5 -25.24 10.05 -5.84
N LEU B 6 -24.71 11.21 -6.22
CA LEU B 6 -23.65 11.24 -7.22
C LEU B 6 -22.44 10.47 -6.72
N TRP B 7 -22.07 10.65 -5.46
CA TRP B 7 -20.90 9.94 -4.93
C TRP B 7 -21.20 8.49 -4.62
N PHE B 8 -22.44 8.15 -4.29
CA PHE B 8 -22.81 6.73 -4.21
C PHE B 8 -22.58 6.07 -5.56
N GLY B 9 -23.01 6.72 -6.64
CA GLY B 9 -22.76 6.18 -7.96
C GLY B 9 -21.28 6.10 -8.27
N VAL B 10 -20.52 7.12 -7.89
CA VAL B 10 -19.09 7.13 -8.14
C VAL B 10 -18.43 5.93 -7.46
N ILE B 11 -18.77 5.69 -6.19
CA ILE B 11 -18.25 4.52 -5.49
C ILE B 11 -18.68 3.25 -6.20
N ALA B 12 -19.92 3.22 -6.69
CA ALA B 12 -20.35 2.09 -7.51
C ALA B 12 -19.51 1.99 -8.77
N ALA B 13 -19.20 3.13 -9.40
CA ALA B 13 -18.38 3.11 -10.60
C ALA B 13 -16.99 2.55 -10.31
N LEU B 14 -16.40 2.94 -9.17
CA LEU B 14 -15.07 2.44 -8.84
C LEU B 14 -15.07 0.92 -8.71
N PHE B 15 -16.08 0.36 -8.05
CA PHE B 15 -16.19 -1.09 -7.96
C PHE B 15 -16.50 -1.70 -9.31
N LEU B 16 -17.29 -1.01 -10.13
CA LEU B 16 -17.55 -1.50 -11.49
C LEU B 16 -16.25 -1.63 -12.27
N GLY B 17 -15.38 -0.62 -12.17
CA GLY B 17 -14.09 -0.71 -12.82
C GLY B 17 -13.21 -1.78 -12.19
N PHE B 18 -13.28 -1.93 -10.86
CA PHE B 18 -12.46 -2.91 -10.18
C PHE B 18 -12.74 -4.31 -10.69
N PHE B 19 -14.02 -4.70 -10.74
CA PHE B 19 -14.37 -6.04 -11.20
C PHE B 19 -14.18 -6.18 -12.70
N ILE B 20 -14.36 -5.10 -13.46
CA ILE B 20 -14.13 -5.16 -14.90
C ILE B 20 -12.67 -5.45 -15.18
N LEU B 21 -11.77 -4.87 -14.39
CA LEU B 21 -10.34 -5.02 -14.59
C LEU B 21 -9.79 -6.20 -13.79
N GLU B 22 -9.95 -6.18 -12.48
CA GLU B 22 -9.49 -7.29 -11.66
C GLU B 22 -10.25 -8.58 -11.94
N GLY B 23 -11.37 -8.50 -12.64
CA GLY B 23 -12.13 -9.71 -12.93
C GLY B 23 -11.31 -10.75 -13.66
N PHE B 24 -10.60 -10.33 -14.70
CA PHE B 24 -9.76 -11.26 -15.45
C PHE B 24 -8.41 -11.47 -14.79
N ASP B 25 -7.98 -10.56 -13.90
CA ASP B 25 -6.77 -10.80 -13.13
C ASP B 25 -6.94 -12.03 -12.24
N PHE B 26 -8.06 -12.11 -11.53
CA PHE B 26 -8.34 -13.30 -10.74
C PHE B 26 -8.49 -14.51 -11.65
N GLY B 27 -9.26 -14.38 -12.73
CA GLY B 27 -9.50 -15.51 -13.60
C GLY B 27 -8.21 -16.09 -14.16
N VAL B 28 -7.27 -15.24 -14.54
CA VAL B 28 -5.98 -15.73 -14.99
C VAL B 28 -5.27 -16.47 -13.86
N GLY B 29 -5.31 -15.92 -12.66
CA GLY B 29 -4.74 -16.62 -11.51
C GLY B 29 -5.45 -17.93 -11.23
N MET B 30 -6.77 -17.94 -11.35
CA MET B 30 -7.53 -19.17 -11.14
C MET B 30 -7.13 -20.24 -12.15
N LEU B 31 -6.91 -19.86 -13.40
CA LEU B 31 -6.72 -20.81 -14.49
C LEU B 31 -5.26 -21.24 -14.67
N MET B 32 -4.32 -20.69 -13.94
CA MET B 32 -2.90 -21.04 -14.20
C MET B 32 -2.71 -22.51 -13.93
N ALA B 33 -3.16 -23.01 -12.78
CA ALA B 33 -2.96 -24.42 -12.50
C ALA B 33 -3.63 -25.33 -13.52
N PRO B 34 -4.89 -25.12 -13.89
CA PRO B 34 -5.47 -25.96 -14.96
C PRO B 34 -4.67 -25.95 -16.25
N PHE B 35 -4.12 -24.80 -16.64
CA PHE B 35 -3.33 -24.75 -17.87
C PHE B 35 -2.14 -25.68 -17.82
N ALA B 36 -1.43 -25.71 -16.68
CA ALA B 36 -0.25 -26.56 -16.57
C ALA B 36 -0.63 -28.03 -16.69
N HIS B 37 -1.71 -28.44 -16.03
CA HIS B 37 -2.09 -29.85 -16.02
C HIS B 37 -2.68 -30.30 -17.34
N VAL B 38 -3.31 -29.40 -18.09
CA VAL B 38 -4.00 -29.75 -19.32
C VAL B 38 -3.16 -29.43 -20.56
N GLY B 39 -2.43 -28.32 -20.52
CA GLY B 39 -1.69 -27.91 -21.71
C GLY B 39 -0.61 -28.92 -22.09
N MET B 40 -0.37 -29.03 -23.39
CA MET B 40 0.69 -29.89 -23.90
C MET B 40 2.04 -29.19 -23.79
N GLY B 41 3.09 -29.92 -24.13
CA GLY B 41 4.42 -29.37 -23.95
C GLY B 41 4.76 -29.30 -22.47
N ASP B 42 5.84 -28.58 -22.16
CA ASP B 42 6.22 -28.41 -20.77
C ASP B 42 5.19 -27.53 -20.04
N PRO B 43 4.83 -27.87 -18.81
CA PRO B 43 3.87 -27.02 -18.08
C PRO B 43 4.37 -25.61 -17.83
N GLU B 44 5.67 -25.42 -17.63
CA GLU B 44 6.17 -24.14 -17.18
C GLU B 44 5.91 -23.04 -18.21
N THR B 45 6.10 -23.34 -19.49
CA THR B 45 5.94 -22.32 -20.52
C THR B 45 4.51 -21.80 -20.54
N HIS B 46 3.52 -22.69 -20.42
CA HIS B 46 2.13 -22.25 -20.43
C HIS B 46 1.82 -21.35 -19.24
N ARG B 47 2.33 -21.69 -18.07
CA ARG B 47 2.09 -20.87 -16.88
C ARG B 47 2.66 -19.47 -17.08
N ARG B 48 3.88 -19.37 -17.60
CA ARG B 48 4.49 -18.06 -17.84
C ARG B 48 3.71 -17.29 -18.89
N THR B 49 3.28 -17.97 -19.96
CA THR B 49 2.52 -17.29 -21.01
C THR B 49 1.22 -16.73 -20.46
N ALA B 50 0.51 -17.51 -19.67
CA ALA B 50 -0.74 -17.04 -19.08
C ALA B 50 -0.49 -15.89 -18.11
N LEU B 51 0.54 -16.02 -17.27
CA LEU B 51 0.81 -14.98 -16.28
C LEU B 51 1.22 -13.67 -16.93
N ASN B 52 2.03 -13.73 -17.98
CA ASN B 52 2.55 -12.51 -18.59
C ASN B 52 1.47 -11.69 -19.29
N THR B 53 0.28 -12.26 -19.52
CA THR B 53 -0.79 -11.47 -20.10
C THR B 53 -1.18 -10.31 -19.18
N ILE B 54 -1.26 -10.58 -17.88
CA ILE B 54 -1.60 -9.57 -16.89
C ILE B 54 -0.37 -9.01 -16.20
N GLY B 55 0.82 -9.30 -16.70
CA GLY B 55 2.05 -8.90 -16.06
C GLY B 55 2.18 -7.40 -15.87
N PRO B 56 1.94 -6.63 -16.94
CA PRO B 56 2.12 -5.17 -16.85
C PRO B 56 0.91 -4.39 -16.35
N VAL B 57 -0.25 -5.02 -16.22
CA VAL B 57 -1.47 -4.31 -15.87
C VAL B 57 -2.06 -4.73 -14.53
N TRP B 58 -1.60 -5.83 -13.94
CA TRP B 58 -2.20 -6.29 -12.69
C TRP B 58 -2.01 -5.28 -11.57
N ASP B 59 -0.82 -4.67 -11.50
CA ASP B 59 -0.56 -3.70 -10.43
C ASP B 59 -1.49 -2.50 -10.54
N GLY B 60 -1.68 -1.99 -11.76
CA GLY B 60 -2.59 -0.87 -11.94
C GLY B 60 -4.04 -1.18 -11.65
N ASN B 61 -4.47 -2.41 -11.97
CA ASN B 61 -5.86 -2.77 -11.75
C ASN B 61 -6.18 -2.88 -10.27
N GLU B 62 -5.27 -3.46 -9.48
CA GLU B 62 -5.52 -3.67 -8.06
C GLU B 62 -5.75 -2.35 -7.33
N VAL B 63 -5.20 -1.25 -7.85
CA VAL B 63 -5.35 0.03 -7.18
C VAL B 63 -6.82 0.44 -7.11
N TRP B 64 -7.65 -0.07 -8.02
CA TRP B 64 -9.05 0.31 -8.03
C TRP B 64 -9.73 -0.08 -6.72
N LEU B 65 -9.44 -1.28 -6.21
CA LEU B 65 -10.00 -1.67 -4.93
C LEU B 65 -9.48 -0.78 -3.80
N ILE B 66 -8.19 -0.45 -3.83
CA ILE B 66 -7.64 0.46 -2.83
C ILE B 66 -8.32 1.82 -2.93
N THR B 67 -8.43 2.33 -4.16
CA THR B 67 -9.11 3.61 -4.36
C THR B 67 -10.58 3.51 -3.99
N ALA B 68 -11.21 2.37 -4.27
CA ALA B 68 -12.61 2.18 -3.89
C ALA B 68 -12.78 2.25 -2.39
N GLY B 69 -11.90 1.58 -1.64
CA GLY B 69 -11.98 1.64 -0.20
C GLY B 69 -11.72 3.04 0.34
N ALA B 70 -10.73 3.73 -0.22
CA ALA B 70 -10.46 5.10 0.21
C ALA B 70 -11.65 6.01 -0.08
N ALA B 71 -12.28 5.85 -1.24
CA ALA B 71 -13.45 6.66 -1.57
C ALA B 71 -14.61 6.36 -0.63
N ILE B 72 -14.83 5.08 -0.31
CA ILE B 72 -15.88 4.74 0.65
C ILE B 72 -15.59 5.40 2.00
N PHE B 73 -14.32 5.35 2.43
CA PHE B 73 -13.95 5.99 3.69
C PHE B 73 -14.22 7.48 3.66
N ALA B 74 -13.85 8.15 2.56
CA ALA B 74 -13.96 9.60 2.51
C ALA B 74 -15.40 10.06 2.38
N ALA B 75 -16.19 9.42 1.51
CA ALA B 75 -17.54 9.89 1.24
C ALA B 75 -18.53 9.39 2.28
N PHE B 76 -18.43 8.13 2.68
CA PHE B 76 -19.37 7.51 3.61
C PHE B 76 -18.59 6.85 4.74
N PRO B 77 -18.10 7.65 5.70
CA PRO B 77 -17.39 7.04 6.83
C PRO B 77 -18.23 6.02 7.58
N GLY B 78 -19.53 6.27 7.75
CA GLY B 78 -20.38 5.30 8.41
C GLY B 78 -20.43 3.98 7.68
N TRP B 79 -20.53 4.03 6.35
CA TRP B 79 -20.51 2.81 5.55
C TRP B 79 -19.19 2.07 5.71
N TYR B 80 -18.08 2.81 5.71
CA TYR B 80 -16.77 2.19 5.84
C TYR B 80 -16.63 1.48 7.18
N ALA B 81 -16.98 2.16 8.26
CA ALA B 81 -16.75 1.62 9.60
C ALA B 81 -17.65 0.42 9.87
N THR B 82 -18.94 0.55 9.58
CA THR B 82 -19.88 -0.51 9.93
C THR B 82 -19.61 -1.78 9.15
N VAL B 83 -19.33 -1.66 7.85
CA VAL B 83 -19.20 -2.84 7.01
C VAL B 83 -17.90 -3.58 7.30
N PHE B 84 -16.78 -2.88 7.18
CA PHE B 84 -15.48 -3.56 7.30
C PHE B 84 -15.32 -4.20 8.67
N SER B 85 -15.71 -3.50 9.73
CA SER B 85 -15.66 -4.09 11.05
C SER B 85 -16.60 -5.27 11.19
N ALA B 86 -17.73 -5.25 10.48
CA ALA B 86 -18.67 -6.38 10.53
C ALA B 86 -18.17 -7.56 9.73
N LEU B 87 -17.51 -7.30 8.60
CA LEU B 87 -16.96 -8.35 7.74
C LEU B 87 -15.50 -8.64 8.05
N TYR B 88 -15.09 -8.51 9.30
CA TYR B 88 -13.70 -8.67 9.66
C TYR B 88 -13.15 -10.02 9.22
N LEU B 89 -13.84 -11.10 9.61
CA LEU B 89 -13.35 -12.43 9.24
C LEU B 89 -13.33 -12.66 7.74
N PRO B 90 -14.41 -12.43 6.99
CA PRO B 90 -14.32 -12.61 5.53
C PRO B 90 -13.26 -11.73 4.89
N LEU B 91 -13.09 -10.48 5.36
CA LEU B 91 -12.11 -9.59 4.75
C LEU B 91 -10.70 -10.00 5.09
N LEU B 92 -10.49 -10.67 6.21
CA LEU B 92 -9.14 -11.11 6.58
C LEU B 92 -8.59 -12.08 5.55
N ALA B 93 -9.41 -13.03 5.10
CA ALA B 93 -8.96 -13.99 4.09
C ALA B 93 -8.65 -13.29 2.78
N ILE B 94 -9.50 -12.32 2.39
CA ILE B 94 -9.24 -11.58 1.16
C ILE B 94 -7.90 -10.87 1.25
N LEU B 95 -7.60 -10.25 2.40
CA LEU B 95 -6.33 -9.58 2.59
C LEU B 95 -5.18 -10.56 2.52
N PHE B 96 -5.33 -11.74 3.11
CA PHE B 96 -4.29 -12.76 3.04
C PHE B 96 -4.01 -13.15 1.59
N GLY B 97 -5.06 -13.41 0.82
CA GLY B 97 -4.88 -13.76 -0.57
C GLY B 97 -4.22 -12.65 -1.38
N MET B 98 -4.66 -11.41 -1.16
CA MET B 98 -4.07 -10.29 -1.88
C MET B 98 -2.60 -10.11 -1.52
N ILE B 99 -2.26 -10.27 -0.25
CA ILE B 99 -0.86 -10.17 0.17
C ILE B 99 -0.03 -11.22 -0.53
N LEU B 100 -0.52 -12.46 -0.55
CA LEU B 100 0.24 -13.53 -1.19
C LEU B 100 0.40 -13.27 -2.68
N ARG B 101 -0.66 -12.81 -3.35
CA ARG B 101 -0.59 -12.62 -4.79
C ARG B 101 0.43 -11.55 -5.16
N ALA B 102 0.44 -10.43 -4.42
CA ALA B 102 1.27 -9.29 -4.81
C ALA B 102 2.74 -9.68 -4.89
N VAL B 103 3.24 -10.37 -3.85
CA VAL B 103 4.64 -10.77 -3.86
C VAL B 103 4.87 -11.92 -4.83
N ALA B 104 3.93 -12.86 -4.91
CA ALA B 104 4.14 -14.07 -5.69
C ALA B 104 4.36 -13.76 -7.16
N ILE B 105 3.56 -12.85 -7.71
CA ILE B 105 3.64 -12.56 -9.14
C ILE B 105 5.02 -12.03 -9.51
N GLU B 106 5.52 -11.08 -8.71
CA GLU B 106 6.81 -10.46 -9.02
C GLU B 106 7.99 -11.36 -8.69
N TRP B 107 7.86 -12.20 -7.66
CA TRP B 107 8.96 -13.03 -7.20
C TRP B 107 8.97 -14.42 -7.83
N ARG B 108 7.99 -14.75 -8.67
CA ARG B 108 7.91 -16.10 -9.20
C ARG B 108 9.15 -16.46 -10.01
N GLY B 109 9.53 -15.57 -10.93
CA GLY B 109 10.64 -15.83 -11.82
C GLY B 109 11.99 -15.38 -11.31
N LYS B 110 12.08 -14.89 -10.07
CA LYS B 110 13.34 -14.40 -9.55
C LYS B 110 14.33 -15.53 -9.27
N ILE B 111 13.87 -16.77 -9.13
CA ILE B 111 14.73 -17.90 -8.81
C ILE B 111 14.30 -19.10 -9.64
N ASP B 112 15.28 -19.87 -10.11
CA ASP B 112 15.03 -21.05 -10.93
C ASP B 112 15.10 -22.26 -9.99
N ASP B 113 13.94 -22.66 -9.49
CA ASP B 113 13.86 -23.84 -8.63
C ASP B 113 12.43 -24.39 -8.67
N PRO B 114 12.23 -25.66 -9.01
CA PRO B 114 10.85 -26.18 -9.05
C PRO B 114 10.10 -25.98 -7.76
N LYS B 115 10.75 -26.16 -6.61
CA LYS B 115 10.07 -25.94 -5.34
C LYS B 115 9.72 -24.46 -5.16
N TRP B 116 10.61 -23.56 -5.57
CA TRP B 116 10.32 -22.13 -5.44
C TRP B 116 9.10 -21.75 -6.27
N ARG B 117 9.06 -22.17 -7.53
CA ARG B 117 7.93 -21.84 -8.38
C ARG B 117 6.64 -22.45 -7.85
N THR B 118 6.71 -23.65 -7.28
CA THR B 118 5.53 -24.26 -6.69
C THR B 118 4.97 -23.40 -5.57
N GLY B 119 5.85 -22.87 -4.71
CA GLY B 119 5.39 -21.98 -3.66
C GLY B 119 4.75 -20.72 -4.20
N ALA B 120 5.35 -20.11 -5.23
CA ALA B 120 4.78 -18.92 -5.82
C ALA B 120 3.43 -19.22 -6.47
N ASP B 121 3.31 -20.39 -7.10
CA ASP B 121 2.04 -20.77 -7.72
C ASP B 121 0.94 -20.83 -6.68
N PHE B 122 1.23 -21.37 -5.50
CA PHE B 122 0.25 -21.37 -4.43
C PHE B 122 -0.14 -19.96 -4.03
N GLY B 123 0.84 -19.06 -3.96
CA GLY B 123 0.54 -17.68 -3.62
C GLY B 123 -0.41 -17.02 -4.61
N ILE B 124 -0.18 -17.24 -5.90
CA ILE B 124 -1.07 -16.69 -6.91
C ILE B 124 -2.42 -17.38 -6.85
N ALA B 125 -2.43 -18.71 -6.75
CA ALA B 125 -3.69 -19.43 -6.70
C ALA B 125 -4.49 -19.05 -5.46
N ALA B 126 -3.85 -19.12 -4.28
CA ALA B 126 -4.53 -18.73 -3.06
C ALA B 126 -4.85 -17.24 -3.04
N GLY B 127 -4.16 -16.44 -3.83
CA GLY B 127 -4.44 -15.03 -3.96
C GLY B 127 -5.46 -14.69 -5.01
N SER B 128 -6.02 -15.68 -5.68
CA SER B 128 -7.09 -15.48 -6.65
C SER B 128 -8.35 -16.26 -6.31
N TRP B 129 -8.22 -17.46 -5.75
CA TRP B 129 -9.39 -18.22 -5.33
C TRP B 129 -10.12 -17.51 -4.19
N LEU B 130 -9.37 -16.98 -3.22
CA LEU B 130 -10.01 -16.35 -2.08
C LEU B 130 -10.68 -15.03 -2.44
N PRO B 131 -10.00 -14.06 -3.06
CA PRO B 131 -10.70 -12.83 -3.43
C PRO B 131 -11.89 -13.07 -4.35
N ALA B 132 -11.77 -14.02 -5.28
CA ALA B 132 -12.85 -14.27 -6.22
C ALA B 132 -14.09 -14.82 -5.49
N LEU B 133 -13.88 -15.77 -4.58
CA LEU B 133 -15.01 -16.37 -3.87
C LEU B 133 -15.60 -15.39 -2.86
N LEU B 134 -14.74 -14.75 -2.07
CA LEU B 134 -15.24 -13.96 -0.95
C LEU B 134 -15.85 -12.64 -1.40
N TRP B 135 -15.27 -11.97 -2.39
CA TRP B 135 -15.87 -10.73 -2.87
C TRP B 135 -17.28 -10.95 -3.35
N GLY B 136 -17.56 -12.09 -3.97
CA GLY B 136 -18.95 -12.44 -4.26
C GLY B 136 -19.77 -12.61 -3.01
N VAL B 137 -19.21 -13.28 -2.01
CA VAL B 137 -19.91 -13.44 -0.74
C VAL B 137 -20.09 -12.09 -0.06
N ALA B 138 -19.03 -11.28 -0.02
CA ALA B 138 -19.08 -10.04 0.74
C ALA B 138 -20.19 -9.12 0.23
N PHE B 139 -20.32 -8.97 -1.08
CA PHE B 139 -21.38 -8.13 -1.63
C PHE B 139 -22.74 -8.77 -1.46
N ALA B 140 -22.80 -10.10 -1.39
CA ALA B 140 -24.08 -10.75 -1.13
C ALA B 140 -24.60 -10.38 0.26
N ILE B 141 -23.71 -10.30 1.25
CA ILE B 141 -24.12 -9.94 2.60
C ILE B 141 -24.72 -8.54 2.62
N LEU B 142 -24.07 -7.60 1.95
CA LEU B 142 -24.54 -6.22 1.95
C LEU B 142 -25.96 -6.14 1.38
N VAL B 143 -26.18 -6.79 0.23
CA VAL B 143 -27.51 -6.76 -0.37
C VAL B 143 -28.52 -7.44 0.56
N ARG B 144 -28.16 -8.59 1.11
CA ARG B 144 -29.06 -9.26 2.05
C ARG B 144 -29.26 -8.43 3.31
N GLY B 145 -28.20 -7.80 3.79
CA GLY B 145 -28.24 -6.99 4.98
C GLY B 145 -27.53 -7.64 6.16
N LEU B 146 -27.32 -6.83 7.18
CA LEU B 146 -26.66 -7.26 8.41
C LEU B 146 -27.51 -6.87 9.60
N PRO B 147 -27.39 -7.59 10.72
CA PRO B 147 -28.12 -7.16 11.93
C PRO B 147 -27.49 -5.93 12.55
N VAL B 148 -28.16 -4.77 12.39
CA VAL B 148 -27.67 -3.51 12.90
C VAL B 148 -28.68 -2.98 13.89
N ASP B 149 -28.23 -2.73 15.12
CA ASP B 149 -29.10 -2.21 16.17
C ASP B 149 -29.25 -0.70 16.03
N ALA B 150 -30.00 -0.09 16.95
CA ALA B 150 -30.21 1.34 16.91
C ALA B 150 -28.90 2.10 17.05
N ASN B 151 -28.04 1.65 17.96
CA ASN B 151 -26.77 2.36 18.19
C ASN B 151 -25.91 2.35 16.93
N GLY B 152 -25.82 1.21 16.26
CA GLY B 152 -25.02 1.10 15.06
C GLY B 152 -24.10 -0.10 15.05
N HIS B 153 -24.09 -0.86 16.14
CA HIS B 153 -23.26 -2.06 16.20
C HIS B 153 -23.84 -3.13 15.28
N VAL B 154 -23.17 -4.29 15.24
CA VAL B 154 -23.55 -5.37 14.34
C VAL B 154 -23.87 -6.62 15.14
N ALA B 155 -22.89 -7.13 15.89
CA ALA B 155 -23.03 -8.39 16.61
C ALA B 155 -23.36 -9.52 15.64
N LEU B 156 -22.44 -9.76 14.72
CA LEU B 156 -22.67 -10.70 13.64
C LEU B 156 -22.73 -12.14 14.16
N SER B 157 -23.38 -13.00 13.39
CA SER B 157 -23.50 -14.41 13.70
C SER B 157 -23.20 -15.23 12.45
N ILE B 158 -22.79 -16.48 12.67
CA ILE B 158 -22.37 -17.32 11.55
C ILE B 158 -23.47 -17.50 10.51
N PRO B 159 -24.74 -17.73 10.87
CA PRO B 159 -25.75 -17.88 9.80
C PRO B 159 -25.87 -16.65 8.92
N ASP B 160 -25.63 -15.46 9.46
CA ASP B 160 -25.75 -14.24 8.69
C ASP B 160 -24.64 -14.06 7.66
N VAL B 161 -23.57 -14.85 7.75
CA VAL B 161 -22.46 -14.78 6.81
C VAL B 161 -22.48 -15.96 5.85
N LEU B 162 -22.53 -17.19 6.38
CA LEU B 162 -22.54 -18.40 5.57
C LEU B 162 -23.99 -18.84 5.41
N ASN B 163 -24.70 -18.17 4.51
CA ASN B 163 -26.07 -18.51 4.18
C ASN B 163 -26.14 -19.00 2.74
N ALA B 164 -27.24 -19.67 2.41
CA ALA B 164 -27.39 -20.24 1.07
C ALA B 164 -27.23 -19.18 0.00
N TYR B 165 -27.88 -18.03 0.19
CA TYR B 165 -27.79 -16.96 -0.81
C TYR B 165 -26.36 -16.46 -0.94
N THR B 166 -25.68 -16.23 0.18
CA THR B 166 -24.31 -15.72 0.13
C THR B 166 -23.38 -16.73 -0.54
N LEU B 167 -23.54 -18.00 -0.21
CA LEU B 167 -22.69 -19.03 -0.83
C LEU B 167 -22.86 -19.04 -2.35
N LEU B 168 -24.10 -18.95 -2.82
CA LEU B 168 -24.34 -18.83 -4.25
C LEU B 168 -23.63 -17.61 -4.83
N GLY B 169 -23.56 -16.53 -4.07
CA GLY B 169 -22.83 -15.36 -4.53
C GLY B 169 -21.35 -15.64 -4.73
N GLY B 170 -20.75 -16.36 -3.79
CA GLY B 170 -19.34 -16.68 -3.94
C GLY B 170 -19.06 -17.57 -5.13
N LEU B 171 -19.87 -18.63 -5.30
CA LEU B 171 -19.67 -19.53 -6.43
C LEU B 171 -19.90 -18.81 -7.75
N ALA B 172 -20.95 -18.00 -7.83
CA ALA B 172 -21.23 -17.29 -9.07
C ALA B 172 -20.10 -16.34 -9.43
N THR B 173 -19.60 -15.57 -8.45
CA THR B 173 -18.52 -14.66 -8.72
C THR B 173 -17.24 -15.41 -9.10
N ALA B 174 -16.92 -16.49 -8.40
CA ALA B 174 -15.74 -17.26 -8.73
C ALA B 174 -15.85 -17.87 -10.12
N GLY B 175 -17.01 -18.45 -10.43
CA GLY B 175 -17.20 -19.01 -11.76
C GLY B 175 -17.16 -17.95 -12.84
N LEU B 176 -17.82 -16.81 -12.61
CA LEU B 176 -17.87 -15.76 -13.62
C LEU B 176 -16.47 -15.24 -13.94
N PHE B 177 -15.65 -15.00 -12.91
CA PHE B 177 -14.29 -14.55 -13.15
C PHE B 177 -13.47 -15.61 -13.86
N SER B 178 -13.66 -16.88 -13.51
CA SER B 178 -12.94 -17.95 -14.19
C SER B 178 -13.26 -17.94 -15.68
N LEU B 179 -14.54 -17.83 -16.03
CA LEU B 179 -14.91 -17.68 -17.44
C LEU B 179 -14.36 -16.36 -18.00
N TYR B 180 -14.44 -15.29 -17.21
CA TYR B 180 -13.93 -14.01 -17.66
C TYR B 180 -12.44 -14.06 -17.95
N GLY B 181 -11.68 -14.75 -17.09
CA GLY B 181 -10.26 -14.90 -17.34
C GLY B 181 -9.97 -15.75 -18.57
N ALA B 182 -10.74 -16.82 -18.77
CA ALA B 182 -10.49 -17.72 -19.88
C ALA B 182 -10.61 -16.99 -21.22
N VAL B 183 -11.68 -16.20 -21.39
CA VAL B 183 -11.85 -15.45 -22.63
C VAL B 183 -10.77 -14.39 -22.76
N PHE B 184 -10.34 -13.79 -21.65
CA PHE B 184 -9.30 -12.76 -21.71
C PHE B 184 -8.01 -13.33 -22.28
N ILE B 185 -7.61 -14.52 -21.84
CA ILE B 185 -6.41 -15.14 -22.38
C ILE B 185 -6.59 -15.46 -23.86
N ALA B 186 -7.78 -15.95 -24.23
CA ALA B 186 -8.05 -16.25 -25.63
C ALA B 186 -7.93 -15.01 -26.50
N LEU B 187 -8.06 -13.82 -25.92
CA LEU B 187 -7.93 -12.58 -26.66
C LEU B 187 -6.51 -12.02 -26.63
N LYS B 188 -5.75 -12.32 -25.59
CA LYS B 188 -4.43 -11.72 -25.39
C LYS B 188 -3.29 -12.60 -25.88
N THR B 189 -3.55 -13.85 -26.27
CA THR B 189 -2.50 -14.79 -26.63
C THR B 189 -2.83 -15.43 -27.97
N SER B 190 -1.95 -16.32 -28.41
CA SER B 190 -2.11 -17.03 -29.67
C SER B 190 -1.40 -18.38 -29.57
N GLY B 191 -1.80 -19.29 -30.44
CA GLY B 191 -1.23 -20.62 -30.46
C GLY B 191 -2.05 -21.62 -29.66
N PRO B 192 -1.44 -22.76 -29.31
CA PRO B 192 -2.20 -23.77 -28.56
C PRO B 192 -2.72 -23.26 -27.23
N ILE B 193 -2.03 -22.30 -26.61
CA ILE B 193 -2.53 -21.75 -25.35
C ILE B 193 -3.90 -21.13 -25.56
N ARG B 194 -4.12 -20.46 -26.70
CA ARG B 194 -5.42 -19.89 -26.99
C ARG B 194 -6.48 -20.98 -27.13
N ASP B 195 -6.13 -22.08 -27.80
CA ASP B 195 -7.09 -23.18 -27.94
C ASP B 195 -7.45 -23.76 -26.58
N ASP B 196 -6.46 -23.93 -25.70
CA ASP B 196 -6.76 -24.44 -24.36
C ASP B 196 -7.63 -23.46 -23.59
N ALA B 197 -7.36 -22.17 -23.71
CA ALA B 197 -8.19 -21.17 -23.04
C ALA B 197 -9.63 -21.24 -23.54
N TYR B 198 -9.80 -21.42 -24.85
CA TYR B 198 -11.16 -21.59 -25.38
C TYR B 198 -11.80 -22.86 -24.82
N ARG B 199 -11.03 -23.94 -24.71
CA ARG B 199 -11.57 -25.17 -24.17
C ARG B 199 -12.05 -24.97 -22.74
N PHE B 200 -11.28 -24.26 -21.92
CA PHE B 200 -11.73 -23.99 -20.56
C PHE B 200 -13.02 -23.19 -20.55
N ALA B 201 -13.13 -22.19 -21.43
CA ALA B 201 -14.33 -21.38 -21.47
C ALA B 201 -15.56 -22.23 -21.79
N VAL B 202 -15.40 -23.21 -22.68
CA VAL B 202 -16.54 -24.05 -23.05
C VAL B 202 -17.07 -24.79 -21.83
N TRP B 203 -16.15 -25.37 -21.03
CA TRP B 203 -16.58 -26.08 -19.84
C TRP B 203 -17.24 -25.16 -18.83
N LEU B 204 -16.71 -23.94 -18.68
CA LEU B 204 -17.26 -22.97 -17.73
C LEU B 204 -18.46 -22.20 -18.29
N SER B 205 -18.74 -22.31 -19.59
CA SER B 205 -19.77 -21.48 -20.18
C SER B 205 -21.14 -21.79 -19.58
N LEU B 206 -21.53 -23.06 -19.56
CA LEU B 206 -22.86 -23.43 -19.10
C LEU B 206 -22.96 -23.38 -17.58
N PRO B 207 -22.05 -24.02 -16.84
CA PRO B 207 -22.17 -23.98 -15.37
C PRO B 207 -22.22 -22.58 -14.81
N VAL B 208 -21.43 -21.65 -15.37
CA VAL B 208 -21.44 -20.28 -14.88
C VAL B 208 -22.78 -19.62 -15.20
N ALA B 209 -23.34 -19.92 -16.37
CA ALA B 209 -24.62 -19.33 -16.74
C ALA B 209 -25.70 -19.69 -15.72
N GLY B 210 -25.73 -20.95 -15.30
CA GLY B 210 -26.69 -21.34 -14.27
C GLY B 210 -26.47 -20.59 -12.96
N LEU B 211 -25.21 -20.48 -12.53
CA LEU B 211 -24.91 -19.79 -11.29
C LEU B 211 -25.25 -18.31 -11.39
N VAL B 212 -24.75 -17.63 -12.42
CA VAL B 212 -25.00 -16.20 -12.54
C VAL B 212 -26.48 -15.93 -12.73
N ALA B 213 -27.14 -16.70 -13.59
CA ALA B 213 -28.58 -16.54 -13.77
C ALA B 213 -29.33 -16.80 -12.46
N GLY B 214 -28.96 -17.86 -11.76
CA GLY B 214 -29.60 -18.13 -10.48
C GLY B 214 -29.31 -17.06 -9.45
N PHE B 215 -28.04 -16.66 -9.35
CA PHE B 215 -27.68 -15.60 -8.40
C PHE B 215 -28.33 -14.28 -8.77
N GLY B 216 -28.28 -13.92 -10.05
CA GLY B 216 -28.89 -12.68 -10.48
C GLY B 216 -30.40 -12.69 -10.33
N LEU B 217 -31.03 -13.80 -10.73
CA LEU B 217 -32.49 -13.89 -10.61
C LEU B 217 -32.93 -13.82 -9.16
N TRP B 218 -32.21 -14.52 -8.27
CA TRP B 218 -32.57 -14.51 -6.86
C TRP B 218 -32.49 -13.10 -6.29
N THR B 219 -31.39 -12.39 -6.58
CA THR B 219 -31.25 -11.03 -6.08
C THR B 219 -32.33 -10.12 -6.64
N GLN B 220 -32.61 -10.24 -7.95
CA GLN B 220 -33.64 -9.40 -8.56
C GLN B 220 -35.00 -9.66 -7.93
N LEU B 221 -35.31 -10.92 -7.65
CA LEU B 221 -36.60 -11.25 -7.06
C LEU B 221 -36.71 -10.78 -5.61
N ALA B 222 -35.64 -10.95 -4.84
CA ALA B 222 -35.71 -10.67 -3.41
C ALA B 222 -35.52 -9.18 -3.13
N TYR B 223 -34.36 -8.63 -3.50
CA TYR B 223 -33.99 -7.27 -3.12
C TYR B 223 -33.88 -6.34 -4.32
N GLY B 224 -34.29 -6.78 -5.51
CA GLY B 224 -34.16 -5.96 -6.69
C GLY B 224 -35.19 -4.84 -6.75
N LYS B 225 -34.89 -3.85 -7.58
CA LYS B 225 -35.78 -2.72 -7.81
C LYS B 225 -36.59 -2.97 -9.07
N ASP B 226 -37.41 -1.98 -9.43
CA ASP B 226 -38.22 -2.09 -10.64
C ASP B 226 -37.34 -2.04 -11.88
N TRP B 227 -36.43 -1.07 -11.93
CA TRP B 227 -35.59 -0.88 -13.11
C TRP B 227 -34.49 -1.92 -13.23
N THR B 228 -34.14 -2.60 -12.13
CA THR B 228 -33.08 -3.60 -12.20
C THR B 228 -33.41 -4.73 -13.15
N TRP B 229 -34.68 -4.92 -13.50
CA TRP B 229 -35.05 -5.98 -14.42
C TRP B 229 -34.28 -5.85 -15.73
N LEU B 230 -34.13 -4.61 -16.23
CA LEU B 230 -33.38 -4.41 -17.47
C LEU B 230 -31.94 -4.83 -17.30
N VAL B 231 -31.33 -4.50 -16.16
CA VAL B 231 -29.94 -4.90 -15.92
C VAL B 231 -29.82 -6.42 -15.95
N LEU B 232 -30.75 -7.11 -15.31
CA LEU B 232 -30.75 -8.57 -15.38
C LEU B 232 -31.00 -9.04 -16.81
N ALA B 233 -31.91 -8.38 -17.52
CA ALA B 233 -32.23 -8.79 -18.88
C ALA B 233 -31.00 -8.69 -19.78
N VAL B 234 -30.29 -7.56 -19.71
CA VAL B 234 -29.11 -7.40 -20.54
C VAL B 234 -28.03 -8.40 -20.14
N ALA B 235 -27.92 -8.69 -18.84
CA ALA B 235 -26.97 -9.69 -18.39
C ALA B 235 -27.28 -11.05 -19.00
N GLY B 236 -28.56 -11.44 -19.00
CA GLY B 236 -28.93 -12.68 -19.65
C GLY B 236 -28.67 -12.66 -21.14
N CYS B 237 -29.03 -11.55 -21.80
CA CYS B 237 -28.75 -11.42 -23.23
C CYS B 237 -27.25 -11.45 -23.50
N ALA B 238 -26.47 -10.73 -22.68
CA ALA B 238 -25.02 -10.74 -22.86
C ALA B 238 -24.45 -12.12 -22.65
N GLN B 239 -24.91 -12.82 -21.60
CA GLN B 239 -24.39 -14.16 -21.34
C GLN B 239 -24.72 -15.11 -22.47
N ALA B 240 -25.94 -15.02 -23.00
CA ALA B 240 -26.32 -15.89 -24.12
C ALA B 240 -25.39 -15.69 -25.30
N ALA B 241 -25.10 -14.43 -25.64
CA ALA B 241 -24.16 -14.16 -26.72
C ALA B 241 -22.76 -14.65 -26.37
N ALA B 242 -22.34 -14.44 -25.12
CA ALA B 242 -21.01 -14.87 -24.71
C ALA B 242 -20.86 -16.38 -24.87
N THR B 243 -21.86 -17.14 -24.41
CA THR B 243 -21.77 -18.60 -24.51
C THR B 243 -21.70 -19.05 -25.95
N VAL B 244 -22.48 -18.43 -26.83
CA VAL B 244 -22.45 -18.82 -28.24
C VAL B 244 -21.08 -18.55 -28.84
N LEU B 245 -20.48 -17.42 -28.53
CA LEU B 245 -19.20 -17.04 -29.14
C LEU B 245 -18.10 -18.04 -28.77
N VAL B 246 -18.02 -18.43 -27.50
CA VAL B 246 -16.96 -19.37 -27.11
C VAL B 246 -17.20 -20.71 -27.78
N TRP B 247 -18.45 -21.18 -27.81
CA TRP B 247 -18.74 -22.45 -28.45
C TRP B 247 -18.43 -22.40 -29.94
N ARG B 248 -18.80 -21.30 -30.60
CA ARG B 248 -18.53 -21.09 -32.02
C ARG B 248 -17.47 -19.99 -32.09
N ARG B 249 -16.21 -20.40 -32.24
CA ARG B 249 -15.10 -19.45 -32.15
C ARG B 249 -15.07 -18.55 -33.37
N VAL B 250 -15.85 -17.46 -33.34
CA VAL B 250 -15.93 -16.54 -34.45
C VAL B 250 -15.18 -15.24 -34.20
N SER B 251 -15.05 -14.80 -32.95
CA SER B 251 -14.33 -13.57 -32.65
C SER B 251 -13.90 -13.60 -31.19
N ASP B 252 -12.62 -13.32 -30.94
CA ASP B 252 -12.12 -13.27 -29.57
C ASP B 252 -12.57 -12.02 -28.85
N GLY B 253 -12.54 -10.87 -29.53
CA GLY B 253 -12.89 -9.62 -28.88
C GLY B 253 -14.34 -9.59 -28.41
N TRP B 254 -15.26 -10.01 -29.28
CA TRP B 254 -16.67 -9.99 -28.92
C TRP B 254 -16.95 -10.90 -27.73
N ALA B 255 -16.32 -12.08 -27.70
CA ALA B 255 -16.51 -12.98 -26.57
C ALA B 255 -16.05 -12.31 -25.28
N PHE B 256 -14.92 -11.61 -25.31
CA PHE B 256 -14.49 -10.85 -24.14
C PHE B 256 -15.48 -9.74 -23.82
N MET B 257 -16.00 -9.06 -24.84
CA MET B 257 -16.94 -7.98 -24.61
C MET B 257 -18.20 -8.48 -23.91
N CYS B 258 -18.81 -9.53 -24.45
CA CYS B 258 -20.06 -10.02 -23.89
C CYS B 258 -19.89 -10.44 -22.45
N THR B 259 -18.75 -11.06 -22.12
CA THR B 259 -18.49 -11.45 -20.74
C THR B 259 -18.25 -10.23 -19.87
N LEU B 260 -17.60 -9.20 -20.41
CA LEU B 260 -17.36 -7.98 -19.64
C LEU B 260 -18.67 -7.32 -19.23
N ILE B 261 -19.64 -7.26 -20.15
CA ILE B 261 -20.93 -6.67 -19.83
C ILE B 261 -21.60 -7.46 -18.72
N VAL B 262 -21.46 -8.79 -18.73
CA VAL B 262 -22.06 -9.61 -17.70
C VAL B 262 -21.50 -9.24 -16.33
N VAL B 263 -20.17 -9.07 -16.25
CA VAL B 263 -19.57 -8.63 -14.99
C VAL B 263 -20.08 -7.25 -14.62
N ALA B 264 -20.13 -6.34 -15.60
CA ALA B 264 -20.63 -4.99 -15.32
C ALA B 264 -22.09 -5.04 -14.88
N ALA B 265 -22.91 -5.85 -15.55
CA ALA B 265 -24.31 -5.93 -15.19
C ALA B 265 -24.50 -6.46 -13.78
N VAL B 266 -23.71 -7.46 -13.39
CA VAL B 266 -23.82 -8.01 -12.04
C VAL B 266 -23.51 -6.94 -10.99
N VAL B 267 -22.44 -6.17 -11.21
CA VAL B 267 -22.07 -5.13 -10.26
C VAL B 267 -23.18 -4.09 -10.18
N VAL B 268 -23.69 -3.66 -11.32
CA VAL B 268 -24.78 -2.68 -11.32
C VAL B 268 -26.02 -3.26 -10.64
N LEU B 269 -26.27 -4.55 -10.87
CA LEU B 269 -27.44 -5.18 -10.26
C LEU B 269 -27.36 -5.14 -8.74
N LEU B 270 -26.19 -5.44 -8.17
CA LEU B 270 -26.05 -5.42 -6.72
C LEU B 270 -26.28 -4.02 -6.18
N PHE B 271 -25.57 -3.03 -6.73
CA PHE B 271 -25.75 -1.66 -6.26
C PHE B 271 -27.16 -1.15 -6.54
N GLY B 272 -27.71 -1.47 -7.72
CA GLY B 272 -29.07 -1.05 -8.01
C GLY B 272 -30.06 -1.57 -6.98
N ALA B 273 -29.90 -2.82 -6.56
CA ALA B 273 -30.72 -3.37 -5.49
C ALA B 273 -30.37 -2.79 -4.13
N LEU B 274 -29.29 -2.02 -4.03
CA LEU B 274 -28.78 -1.49 -2.77
C LEU B 274 -28.68 0.03 -2.82
N TYR B 275 -29.55 0.69 -3.60
CA TYR B 275 -29.38 2.11 -3.84
C TYR B 275 -29.62 2.93 -2.57
N PRO B 276 -30.84 2.95 -2.02
CA PRO B 276 -31.09 3.85 -0.89
C PRO B 276 -30.24 3.52 0.33
N ASN B 277 -30.30 2.28 0.79
CA ASN B 277 -29.51 1.88 1.95
C ASN B 277 -28.08 1.56 1.54
N LEU B 278 -27.19 1.59 2.52
CA LEU B 278 -25.81 1.13 2.34
C LEU B 278 -25.51 -0.13 3.12
N VAL B 279 -26.24 -0.38 4.20
CA VAL B 279 -26.11 -1.62 4.97
C VAL B 279 -27.50 -1.95 5.52
N PRO B 280 -28.38 -2.56 4.72
CA PRO B 280 -29.73 -2.83 5.19
C PRO B 280 -29.72 -3.61 6.50
N SER B 281 -30.60 -3.21 7.41
CA SER B 281 -30.67 -3.79 8.75
C SER B 281 -31.74 -4.87 8.79
N THR B 282 -31.32 -6.10 9.07
CA THR B 282 -32.29 -7.19 9.20
C THR B 282 -33.21 -6.95 10.39
N LEU B 283 -32.67 -6.45 11.50
CA LEU B 283 -33.47 -6.25 12.70
C LEU B 283 -34.60 -5.26 12.46
N ASN B 284 -34.30 -4.14 11.80
CA ASN B 284 -35.30 -3.10 11.58
C ASN B 284 -34.86 -2.17 10.46
N PRO B 285 -35.70 -1.92 9.46
CA PRO B 285 -35.29 -1.02 8.36
C PRO B 285 -34.94 0.38 8.82
N GLN B 286 -35.54 0.86 9.91
CA GLN B 286 -35.30 2.23 10.34
C GLN B 286 -33.83 2.45 10.68
N TRP B 287 -33.20 1.50 11.35
CA TRP B 287 -31.82 1.63 11.76
C TRP B 287 -30.84 1.38 10.62
N SER B 288 -31.31 0.95 9.45
CA SER B 288 -30.42 0.67 8.34
C SER B 288 -29.67 1.92 7.93
N LEU B 289 -28.39 1.74 7.57
CA LEU B 289 -27.59 2.86 7.08
C LEU B 289 -28.13 3.35 5.73
N THR B 290 -28.08 4.66 5.54
CA THR B 290 -28.60 5.28 4.32
C THR B 290 -27.61 6.34 3.85
N ILE B 291 -27.64 6.62 2.55
CA ILE B 291 -26.77 7.67 2.00
C ILE B 291 -27.10 9.02 2.59
N HIS B 292 -28.33 9.21 3.07
CA HIS B 292 -28.75 10.49 3.61
C HIS B 292 -28.38 10.69 5.07
N ASN B 293 -27.80 9.68 5.73
CA ASN B 293 -27.39 9.80 7.11
C ASN B 293 -26.00 9.27 7.41
N ALA B 294 -25.39 8.52 6.49
CA ALA B 294 -24.05 7.98 6.68
C ALA B 294 -23.02 8.63 5.77
N SER B 295 -23.37 9.71 5.10
CA SER B 295 -22.47 10.40 4.18
C SER B 295 -21.75 11.54 4.89
N SER B 296 -20.67 12.00 4.26
CA SER B 296 -19.89 13.09 4.80
C SER B 296 -20.65 14.41 4.64
N THR B 297 -20.03 15.49 5.12
CA THR B 297 -20.64 16.80 5.01
C THR B 297 -20.64 17.27 3.55
N PRO B 298 -21.51 18.22 3.20
CA PRO B 298 -21.54 18.69 1.81
C PRO B 298 -20.20 19.22 1.33
N TYR B 299 -19.44 19.89 2.19
CA TYR B 299 -18.17 20.45 1.74
C TYR B 299 -17.18 19.37 1.36
N THR B 300 -17.10 18.30 2.16
CA THR B 300 -16.16 17.24 1.84
C THR B 300 -16.51 16.57 0.50
N LEU B 301 -17.79 16.29 0.28
CA LEU B 301 -18.21 15.71 -0.98
C LEU B 301 -17.93 16.66 -2.14
N LYS B 302 -18.20 17.95 -1.95
CA LYS B 302 -17.93 18.92 -3.02
C LYS B 302 -16.45 18.95 -3.37
N ILE B 303 -15.58 18.96 -2.37
CA ILE B 303 -14.15 18.97 -2.64
C ILE B 303 -13.72 17.67 -3.33
N MET B 304 -14.22 16.54 -2.84
CA MET B 304 -13.84 15.26 -3.44
C MET B 304 -14.31 15.14 -4.88
N THR B 305 -15.44 15.77 -5.21
CA THR B 305 -15.95 15.70 -6.57
C THR B 305 -14.96 16.34 -7.55
N TRP B 306 -14.40 17.49 -7.18
CA TRP B 306 -13.49 18.17 -8.09
C TRP B 306 -12.26 17.32 -8.37
N VAL B 307 -11.68 16.72 -7.33
CA VAL B 307 -10.49 15.89 -7.52
C VAL B 307 -10.82 14.70 -8.42
N THR B 308 -11.87 13.97 -8.08
CA THR B 308 -12.26 12.83 -8.88
C THR B 308 -12.66 13.24 -10.30
N ALA B 309 -13.38 14.36 -10.42
CA ALA B 309 -13.85 14.80 -11.73
C ALA B 309 -12.69 15.10 -12.68
N PHE B 310 -11.49 15.32 -12.15
CA PHE B 310 -10.33 15.60 -12.99
C PHE B 310 -9.32 14.47 -13.04
N PHE B 311 -9.28 13.62 -12.02
CA PHE B 311 -8.31 12.52 -11.99
C PHE B 311 -8.90 11.22 -12.52
N ALA B 312 -10.19 10.95 -12.23
CA ALA B 312 -10.80 9.75 -12.78
C ALA B 312 -10.78 9.74 -14.30
N PRO B 313 -11.18 10.81 -15.00
CA PRO B 313 -10.98 10.82 -16.46
C PRO B 313 -9.53 10.64 -16.85
N LEU B 314 -8.60 11.24 -16.11
CA LEU B 314 -7.19 11.08 -16.43
C LEU B 314 -6.72 9.66 -16.19
N THR B 315 -7.13 9.06 -15.07
CA THR B 315 -6.71 7.69 -14.77
C THR B 315 -7.17 6.73 -15.85
N VAL B 316 -8.42 6.86 -16.29
CA VAL B 316 -8.90 6.04 -17.41
C VAL B 316 -8.20 6.44 -18.70
N ALA B 317 -7.80 7.71 -18.83
CA ALA B 317 -7.22 8.18 -20.08
C ALA B 317 -5.92 7.45 -20.40
N TYR B 318 -5.04 7.28 -19.41
CA TYR B 318 -3.78 6.59 -19.64
C TYR B 318 -3.80 5.13 -19.24
N GLN B 319 -4.77 4.70 -18.43
CA GLN B 319 -4.92 3.28 -18.16
C GLN B 319 -5.23 2.52 -19.44
N THR B 320 -6.12 3.07 -20.28
CA THR B 320 -6.40 2.45 -21.57
C THR B 320 -5.16 2.48 -22.46
N TRP B 321 -4.37 3.55 -22.36
CA TRP B 321 -3.15 3.63 -23.16
C TRP B 321 -2.19 2.51 -22.80
N THR B 322 -2.12 2.16 -21.51
CA THR B 322 -1.25 1.07 -21.10
C THR B 322 -1.66 -0.24 -21.77
N TYR B 323 -2.96 -0.52 -21.82
CA TYR B 323 -3.44 -1.71 -22.50
C TYR B 323 -3.17 -1.63 -23.99
N TRP B 324 -3.31 -0.45 -24.58
CA TRP B 324 -3.04 -0.29 -26.00
C TRP B 324 -1.57 -0.58 -26.32
N VAL B 325 -0.67 -0.17 -25.43
CA VAL B 325 0.75 -0.40 -25.66
C VAL B 325 1.05 -1.89 -25.77
N PHE B 326 0.49 -2.68 -24.86
CA PHE B 326 0.72 -4.12 -24.82
C PHE B 326 -0.38 -4.91 -25.53
N ARG B 327 -1.00 -4.31 -26.55
CA ARG B 327 -2.08 -4.99 -27.24
C ARG B 327 -1.60 -6.19 -28.04
N GLN B 328 -0.32 -6.24 -28.40
CA GLN B 328 0.19 -7.33 -29.22
C GLN B 328 0.04 -8.66 -28.48
N ARG B 329 -0.41 -9.68 -29.20
CA ARG B 329 -0.58 -10.99 -28.60
C ARG B 329 0.76 -11.63 -28.28
N ILE B 330 0.83 -12.28 -27.13
CA ILE B 330 2.01 -13.03 -26.72
C ILE B 330 1.75 -14.50 -26.97
N SER B 331 2.83 -15.26 -27.12
CA SER B 331 2.72 -16.68 -27.43
C SER B 331 3.92 -17.42 -26.86
N ALA B 332 3.82 -18.75 -26.85
CA ALA B 332 4.87 -19.56 -26.22
C ALA B 332 6.21 -19.34 -26.88
N GLU B 333 6.25 -18.86 -28.12
CA GLU B 333 7.50 -18.65 -28.82
C GLU B 333 8.11 -17.27 -28.56
N ARG B 334 7.34 -16.35 -27.97
CA ARG B 334 7.86 -15.03 -27.63
C ARG B 334 8.27 -14.90 -26.17
N ILE B 335 8.06 -15.94 -25.36
CA ILE B 335 8.44 -15.90 -23.95
C ILE B 335 9.94 -16.16 -23.84
N PRO B 336 10.71 -15.27 -23.23
CA PRO B 336 12.16 -15.48 -23.15
C PRO B 336 12.48 -16.60 -22.17
N PRO B 337 13.66 -17.20 -22.28
CA PRO B 337 14.03 -18.26 -21.33
C PRO B 337 14.08 -17.70 -19.93
N PRO B 338 13.86 -18.55 -18.92
CA PRO B 338 13.84 -18.05 -17.53
C PRO B 338 15.18 -17.43 -17.16
N THR B 339 15.11 -16.36 -16.37
CA THR B 339 16.28 -15.61 -15.94
C THR B 339 16.57 -15.78 -14.46
N GLY B 340 15.89 -16.70 -13.78
CA GLY B 340 16.12 -16.90 -12.37
C GLY B 340 17.49 -17.50 -12.08
N LEU B 341 17.92 -17.34 -10.83
CA LEU B 341 19.20 -17.86 -10.38
C LEU B 341 19.02 -19.17 -9.64
N ALA B 342 20.05 -20.01 -9.69
CA ALA B 342 20.01 -21.29 -8.98
C ALA B 342 19.87 -21.05 -7.49
N ARG B 343 19.11 -21.92 -6.83
CA ARG B 343 18.89 -21.76 -5.39
C ARG B 343 20.21 -21.85 -4.63
N ARG B 344 21.06 -22.80 -4.99
CA ARG B 344 22.37 -22.96 -4.37
C ARG B 344 23.36 -22.05 -5.09
N ALA B 345 23.86 -21.03 -4.39
CA ALA B 345 24.81 -20.11 -5.00
C ALA B 345 26.10 -20.85 -5.34
N PRO B 346 26.63 -20.79 -6.59
CA PRO B 346 27.84 -21.59 -6.96
C PRO B 346 28.98 -21.29 -6.00
C1 PTY C . 2.17 0.67 27.82
C2 PTY C . -4.12 2.93 32.66
C3 PTY C . -3.82 2.81 31.17
O4 PTY C . 1.19 -0.26 27.46
C5 PTY C . 0.71 2.47 28.76
C6 PTY C . 1.74 1.38 29.09
O7 PTY C . 2.86 1.97 29.70
C8 PTY C . 2.87 1.92 31.13
O10 PTY C . 2.86 2.93 31.77
C11 PTY C . 2.90 0.53 31.86
C12 PTY C . 3.86 -0.44 31.10
C13 PTY C . 3.05 -1.67 30.55
C14 PTY C . 2.52 -2.59 31.70
C15 PTY C . 3.65 -3.04 32.68
C16 PTY C . 4.91 -3.55 31.88
C17 PTY C . 5.63 -4.70 32.67
C18 PTY C . 7.16 -4.61 32.48
C19 PTY C . 7.58 -4.55 30.98
C20 PTY C . 7.30 -5.89 30.24
C21 PTY C . 8.37 -6.95 30.63
C22 PTY C . 7.70 -8.12 31.40
C23 PTY C . 7.00 -9.08 30.39
C24 PTY C . 5.91 -9.90 31.11
C25 PTY C . 5.70 -11.27 30.43
C26 PTY C . 4.57 -11.21 29.38
C27 PTY C . 5.09 -10.75 28.00
C28 PTY C . 5.94 -11.87 27.35
C29 PTY C . 6.06 -11.60 25.85
C30 PTY C . 1.39 -0.81 26.18
C31 PTY C . 2.63 -1.66 25.90
O30 PTY C . 0.60 -0.61 25.34
C32 PTY C . 2.68 -2.84 26.87
C33 PTY C . 4.13 -3.07 27.37
C34 PTY C . 5.00 -3.69 26.22
C35 PTY C . 5.79 -2.58 25.50
C36 PTY C . 6.90 -3.23 24.60
C37 PTY C . 8.27 -2.58 24.90
C38 PTY C . 9.42 -3.41 24.27
C39 PTY C . 9.34 -3.35 22.72
C40 PTY C . 10.50 -4.22 22.12
C41 PTY C . 10.60 -3.98 20.59
C42 PTY C . 10.65 -5.32 19.85
C43 PTY C . 11.30 -5.15 18.48
C44 PTY C . 12.72 -5.75 18.51
P1 PTY C . -1.78 3.00 29.48
O11 PTY C . -2.57 3.42 30.88
O12 PTY C . -2.49 1.83 28.83
O13 PTY C . -1.79 4.17 28.53
O14 PTY C . -0.20 2.58 29.82
N1 PTY C . -5.55 2.80 32.87
C5 MQ9 D . 6.54 -1.08 20.18
C5M MQ9 D . 8.02 -1.04 20.36
C4 MQ9 D . 5.71 -1.01 21.40
O4 MQ9 D . 6.23 -0.92 22.50
C3 MQ9 D . 4.23 -1.05 21.27
C2 MQ9 D . 3.65 -1.16 20.01
C1 MQ9 D . 4.50 -1.23 18.80
O1 MQ9 D . 4.00 -1.32 17.71
C6 MQ9 D . 5.97 -1.19 18.96
C3A MQ9 D . 3.44 -0.98 22.40
C3B MQ9 D . 2.06 -1.02 22.28
C3C MQ9 D . 1.47 -1.12 21.03
C3D MQ9 D . 2.26 -1.19 19.89
C7 MQ9 D . 6.78 -1.27 17.69
C8 MQ9 D . 7.49 -2.58 17.62
C9 MQ9 D . 7.65 -3.37 16.56
C10 MQ9 D . 7.13 -3.08 15.19
C11 MQ9 D . 8.42 -4.66 16.70
C12 MQ9 D . 7.74 -5.84 16.00
C13 MQ9 D . 8.18 -5.98 14.59
C14 MQ9 D . 8.68 -7.05 13.96
C15 MQ9 D . 8.88 -8.39 14.61
C16 MQ9 D . 9.07 -6.98 12.51
C17 MQ9 D . 10.27 -7.87 12.17
C18 MQ9 D . 11.55 -7.24 12.62
C19 MQ9 D . 12.73 -7.25 11.99
C20 MQ9 D . 13.00 -7.91 10.67
C21 MQ9 D . 13.92 -6.56 12.61
C22 MQ9 D . 13.51 -5.47 13.62
C23 MQ9 D . 12.84 -4.32 12.93
C24 MQ9 D . 12.58 -3.11 13.41
C25 MQ9 D . 11.89 -2.02 12.65
C26 MQ9 D . 12.97 -2.76 14.82
C27 MQ9 D . 11.89 -1.96 15.58
C28 MQ9 D . 12.30 -0.53 15.76
C29 MQ9 D . 12.51 0.12 16.90
C30 MQ9 D . 12.91 1.56 16.99
C31 MQ9 D . 12.33 -0.58 18.22
C32 MQ9 D . 12.03 0.39 19.38
C33 MQ9 D . 13.15 0.40 20.38
C34 MQ9 D . 13.08 0.09 21.67
C35 MQ9 D . 11.83 -0.35 22.37
C36 MQ9 D . 14.31 0.17 22.54
C37 MQ9 D . 15.64 0.03 21.78
C38 MQ9 D . 16.80 -0.18 22.70
C39 MQ9 D . 18.08 0.14 22.47
C40 MQ9 D . 19.14 -0.12 23.48
C41 MQ9 D . 18.53 0.79 21.19
C42 MQ9 D . 19.28 2.12 21.40
C43 MQ9 D . 20.07 2.47 20.18
C44 MQ9 D . 21.08 3.34 20.12
C45 MQ9 D . 21.57 4.11 21.31
C46 MQ9 D . 21.80 3.59 18.82
C47 MQ9 D . 23.28 3.22 18.90
C48 MQ9 D . 24.01 3.46 17.61
C49 MQ9 D . 25.05 4.25 17.32
C50 MQ9 D . 25.05 4.64 18.76
C51 MQ9 D . 26.19 5.22 17.42
CHA HEM E . -0.53 3.42 15.74
CHB HEM E . -2.18 5.94 12.22
CHC HEM E . 2.01 5.60 10.14
CHD HEM E . 3.61 3.02 13.72
C1A HEM E . -1.35 4.04 14.92
C2A HEM E . -2.72 4.03 15.01
C3A HEM E . -3.16 4.72 14.02
C4A HEM E . -2.09 5.20 13.33
CMA HEM E . -4.58 4.95 13.73
CAA HEM E . -3.59 3.34 15.95
CBA HEM E . -3.79 4.16 17.15
CGA HEM E . -2.66 3.92 18.04
O1A HEM E . -1.96 2.92 17.97
O2A HEM E . -2.38 4.71 18.91
C1B HEM E . -1.13 6.04 11.39
C2B HEM E . -1.29 6.67 10.19
C3B HEM E . -0.14 6.57 9.62
C4B HEM E . 0.73 5.88 10.50
CMB HEM E . -2.53 7.29 9.70
CAB HEM E . 0.32 7.05 8.39
CBB HEM E . -0.36 7.84 7.63
C1C HEM E . 2.80 4.82 10.87
C2C HEM E . 3.96 4.25 10.47
C3C HEM E . 4.38 3.52 11.52
C4C HEM E . 3.50 3.61 12.51
CMC HEM E . 4.50 4.47 9.12
CAC HEM E . 5.50 2.72 11.77
CBC HEM E . 6.46 2.73 10.91
C1D HEM E . 2.55 2.95 14.56
C2D HEM E . 2.60 2.28 15.78
C3D HEM E . 1.45 2.33 16.30
C4D HEM E . 0.73 3.16 15.44
CMD HEM E . 3.73 1.51 16.26
CAD HEM E . 1.00 1.79 17.56
CBD HEM E . 1.22 2.99 18.43
CGD HEM E . 0.24 3.10 19.52
O1D HEM E . -0.21 2.08 19.95
O2D HEM E . -0.16 4.15 20.03
NA HEM E . -0.97 4.78 13.88
NB HEM E . 0.07 5.60 11.54
NC HEM E . 2.53 4.39 12.07
ND HEM E . 1.42 3.51 14.42
FE HEM E . 0.82 4.59 13.12
CHA HEM F . 10.48 11.96 13.28
CHB HEM F . 13.83 14.76 14.77
CHC HEM F . 16.94 11.94 12.56
CHD HEM F . 13.42 9.75 10.46
C1A HEM F . 11.16 12.89 13.91
C2A HEM F . 10.54 13.81 14.70
C3A HEM F . 11.47 14.62 15.11
C4A HEM F . 12.66 14.18 14.59
CMA HEM F . 11.31 15.79 15.98
CAA HEM F . 9.09 13.89 14.88
CBA HEM F . 8.48 13.92 16.22
CGA HEM F . 7.04 14.26 16.07
O1A HEM F . 6.19 14.00 16.94
O2A HEM F . 6.63 14.80 15.07
C1B HEM F . 14.95 14.21 14.25
C2B HEM F . 16.14 14.77 14.52
C3B HEM F . 17.02 14.01 13.92
C4B HEM F . 16.33 12.95 13.28
CMB HEM F . 16.29 15.98 15.33
CAB HEM F . 18.43 14.14 13.90
CBB HEM F . 19.10 15.10 14.51
C1C HEM F . 16.26 11.07 11.76
C2C HEM F . 16.72 10.18 10.82
C3C HEM F . 15.70 9.58 10.23
C4C HEM F . 14.61 10.12 10.80
CMC HEM F . 18.10 9.93 10.57
CAC HEM F . 15.60 8.59 9.22
CBC HEM F . 16.60 8.03 8.62
C1D HEM F . 12.40 10.26 11.12
C2D HEM F . 11.17 9.75 10.73
C3D HEM F . 10.35 10.32 11.46
C4D HEM F . 11.04 11.18 12.35
CMD HEM F . 10.85 8.79 9.70
CAD HEM F . 8.99 9.94 11.19
CBD HEM F . 8.06 10.86 11.80
CGD HEM F . 8.12 12.17 11.24
O1D HEM F . 7.61 12.27 10.19
O2D HEM F . 8.55 13.14 11.81
NA HEM F . 12.45 13.13 13.84
NB HEM F . 15.12 13.13 13.61
NC HEM F . 14.97 10.89 11.79
ND HEM F . 12.29 11.10 12.08
FE HEM F . 13.62 11.99 12.87
FE HDD G . 1.99 3.25 1.91
CHA HDD G . 2.20 1.75 -0.92
CHB HDD G . -1.26 2.35 2.22
CHC HDD G . 1.87 4.50 5.05
CHD HDD G . 4.25 5.33 1.06
NA HDD G . 0.66 2.22 0.82
C1A HDD G . 0.91 1.62 -0.28
C2A HDD G . -0.21 0.91 -0.83
C3A HDD G . -1.22 1.12 0.12
C4A HDD G . -0.55 1.90 1.10
CMA HDD G . -2.59 0.67 0.15
CAA HDD G . -0.37 0.14 -2.04
CBA HDD G . -0.19 1.10 -3.15
CGA HDD G . -0.49 0.36 -4.39
O1A HDD G . 0.19 0.56 -5.38
O2A HDD G . -1.42 -0.41 -4.39
NB HDD G . 0.59 3.38 3.37
C1B HDD G . -0.66 3.02 3.30
C2B HDD G . -1.46 3.20 4.45
C3B HDD G . -0.56 3.81 5.30
C4B HDD G . 0.68 3.88 4.57
CMB HDD G . -2.85 2.85 4.68
CAB HDD G . -1.00 4.16 6.60
CBB HDD G . -0.18 4.64 7.47
NC HDD G . 2.89 4.76 2.90
C1C HDD G . 2.83 5.05 4.15
C2C HDD G . 3.65 6.15 4.52
C3C HDD G . 4.34 6.37 3.32
C4C HDD G . 3.82 5.44 2.41
CMC HDD G . 3.74 6.77 5.82
CAC HDD G . 5.36 7.30 2.95
CBC HDD G . 5.83 8.10 3.83
ND HDD G . 3.02 3.47 0.40
C1D HDD G . 3.88 4.41 0.23
C2D HDD G . 4.44 4.33 -1.10
C3D HDD G . 4.27 2.94 -1.41
C4D HDD G . 3.09 2.66 -0.59
CMD HDD G . 5.79 4.88 -1.24
CAD HDD G . 5.45 2.07 -1.17
CBD HDD G . 5.90 1.30 -2.33
CGD HDD G . 4.57 1.42 -2.84
O1D HDD G . 3.96 2.65 -2.66
O2D HDD G . 3.97 0.52 -3.26
OND HDD G . 3.57 5.10 -1.83
C1 CDL H . -9.11 -9.34 -31.77
O1 CDL H . -9.57 -10.35 -32.60
CA2 CDL H . -7.88 -8.68 -32.43
OA2 CDL H . -6.72 -9.20 -31.82
PA1 CDL H . -5.37 -8.25 -31.91
OA3 CDL H . -4.18 -9.12 -32.13
OA4 CDL H . -5.51 -7.32 -33.07
OA5 CDL H . -5.20 -7.39 -30.52
CA3 CDL H . -5.52 -8.01 -29.31
CA4 CDL H . -5.83 -6.93 -28.31
OA6 CDL H . -6.24 -7.50 -27.10
CA5 CDL H . -6.24 -6.62 -26.01
OA7 CDL H . -5.24 -6.19 -25.61
C11 CDL H . -7.56 -6.25 -25.30
C12 CDL H . -7.51 -6.78 -23.87
C13 CDL H . -7.34 -5.60 -22.91
C14 CDL H . -8.53 -4.64 -23.13
C15 CDL H . -9.45 -4.72 -21.88
C16 CDL H . -8.97 -3.71 -20.84
C17 CDL H . -10.16 -2.85 -20.39
C18 CDL H . -10.05 -1.49 -21.09
C19 CDL H . -9.29 -0.50 -20.18
C20 CDL H . -10.31 0.39 -19.43
C21 CDL H . -9.68 0.86 -18.09
C22 CDL H . -10.80 1.41 -17.16
C23 CDL H . -12.19 0.99 -17.73
C24 CDL H . -13.12 0.55 -16.55
C25 CDL H . -13.58 1.81 -15.77
C26 CDL H . -15.11 1.96 -15.94
C27 CDL H . -15.66 2.82 -14.79
CA6 CDL H . -6.99 -6.11 -28.86
OA8 CDL H . -6.47 -4.89 -29.31
CA7 CDL H . -7.14 -3.75 -28.81
OA9 CDL H . -7.81 -3.11 -29.52
C31 CDL H . -6.99 -3.32 -27.34
C32 CDL H . -7.39 -1.84 -27.20
C33 CDL H . -6.88 -1.32 -25.84
C34 CDL H . -8.09 -1.19 -24.89
C35 CDL H . -9.05 -0.11 -25.45
C36 CDL H . -9.77 0.56 -24.25
C37 CDL H . -10.95 1.43 -24.75
C38 CDL H . -12.03 1.52 -23.63
C39 CDL H . -12.24 3.00 -23.20
C40 CDL H . -12.56 3.04 -21.69
C41 CDL H . -13.94 3.69 -21.49
C42 CDL H . -14.23 3.82 -19.98
C43 CDL H . -15.14 5.04 -19.72
C44 CDL H . -14.86 5.63 -18.33
C45 CDL H . -14.64 7.15 -18.44
C46 CDL H . -15.47 7.87 -17.38
C47 CDL H . -14.84 7.63 -15.99
CB2 CDL H . -10.22 -8.28 -31.57
OB2 CDL H . -10.93 -8.11 -32.79
PB2 CDL H . -12.44 -8.78 -32.89
OB3 CDL H . -12.81 -8.99 -34.33
OB4 CDL H . -12.46 -10.10 -32.18
OB5 CDL H . -13.52 -7.73 -32.18
CB3 CDL H . -13.25 -6.35 -32.33
CB4 CDL H . -13.46 -5.63 -31.00
OB6 CDL H . -12.95 -6.40 -29.95
CB5 CDL H . -12.07 -5.68 -29.08
OB7 CDL H . -11.25 -4.98 -29.53
C51 CDL H . -12.20 -5.81 -27.53
C52 CDL H . -11.40 -4.64 -26.87
C53 CDL H . -11.70 -4.58 -25.35
C54 CDL H . -12.22 -3.16 -24.96
C55 CDL H . -12.67 -3.17 -23.46
C56 CDL H . -13.63 -1.97 -23.18
C57 CDL H . -13.87 -1.87 -21.66
C58 CDL H . -14.50 -0.47 -21.31
C59 CDL H . -15.34 -0.58 -20.00
C60 CDL H . -16.73 0.06 -20.26
C61 CDL H . -17.70 -0.26 -19.09
C62 CDL H . -18.93 -1.06 -19.62
CB6 CDL H . -14.94 -5.43 -30.79
OB8 CDL H . -15.13 -4.23 -30.10
CB7 CDL H . -16.14 -4.28 -29.11
OB9 CDL H . -16.60 -5.32 -28.81
C71 CDL H . -16.65 -3.01 -28.43
C72 CDL H . -18.18 -3.06 -28.34
C73 CDL H . -18.68 -2.09 -27.22
C1 CD4 I . -19.16 4.87 -15.31
C2 CD4 I . -20.52 4.22 -15.11
C3 CD4 I . -20.84 4.15 -13.62
C4 CD4 I . -22.32 3.79 -13.43
C5 CD4 I . -22.52 3.25 -12.02
C6 CD4 I . -24.02 3.07 -11.77
C7 CD4 I . -24.23 2.18 -10.54
C8 CD4 I . -25.72 1.96 -10.32
C9 CD4 I . -26.26 2.92 -9.26
C10 CD4 I . -27.65 3.40 -9.66
C11 CD4 I . -28.53 3.57 -8.42
C12 CD4 I . -29.65 4.57 -8.70
C13 CD4 I . -31.01 3.92 -8.49
C14 CD4 I . -32.06 5.01 -8.43
O1 CD4 I . -32.01 5.91 -9.20
O2 CD4 I . -33.07 4.96 -7.46
C15 CD4 I . -34.35 4.55 -7.91
C16 CD4 I . -34.74 5.32 -9.18
O3 CD4 I . -34.16 4.70 -10.29
C17 CD4 I . -34.39 5.37 -11.50
O4 CD4 I . -35.42 5.94 -11.66
C18 CD4 I . -33.32 5.39 -12.58
C19 CD4 I . -32.69 4.00 -12.69
C20 CD4 I . -31.40 4.07 -13.51
C21 CD4 I . -30.23 4.49 -12.60
C22 CD4 I . -28.94 4.54 -13.40
C23 CD4 I . -28.40 3.12 -13.62
C24 CD4 I . -28.10 2.89 -15.10
C25 CD4 I . -26.75 3.52 -15.44
C26 CD4 I . -25.64 2.46 -15.46
C27 CD4 I . -25.14 2.26 -16.88
C28 CD4 I . -35.33 4.84 -6.77
O5 CD4 I . -36.64 4.91 -7.24
P1 CD4 I . -37.86 4.33 -6.28
O6 CD4 I . -39.04 3.97 -7.15
O7 CD4 I . -37.39 3.10 -5.55
O8 CD4 I . -38.30 5.50 -5.19
C29 CD4 I . -37.75 6.79 -5.28
C30 CD4 I . -38.09 7.43 -6.63
O9 CD4 I . -37.34 6.83 -7.65
C31 CD4 I . -37.75 8.91 -6.58
O10 CD4 I . -36.45 9.12 -7.09
P2 CD4 I . -35.32 9.82 -6.12
O11 CD4 I . -35.05 8.95 -4.92
O12 CD4 I . -35.83 11.16 -5.65
O13 CD4 I . -33.93 10.05 -6.98
C32 CD4 I . -33.80 9.42 -8.23
C33 CD4 I . -32.35 9.46 -8.69
C34 CD4 I . -31.42 8.90 -7.62
O14 CD4 I . -30.12 9.36 -7.82
C35 CD4 I . -29.36 8.68 -8.78
O15 CD4 I . -29.70 7.62 -9.19
C36 CD4 I . -28.07 9.32 -9.30
C37 CD4 I . -27.11 8.26 -9.83
C38 CD4 I . -25.99 8.99 -10.59
C39 CD4 I . -24.87 8.02 -10.96
C40 CD4 I . -23.62 8.84 -11.27
C41 CD4 I . -22.55 7.99 -11.94
C42 CD4 I . -21.24 8.76 -11.94
C43 CD4 I . -20.43 8.45 -13.19
C44 CD4 I . -18.94 8.67 -12.92
C45 CD4 I . -18.74 10.06 -12.30
O16 CD4 I . -32.23 8.67 -9.85
C46 CD4 I . -32.38 9.38 -11.05
O17 CD4 I . -33.37 9.26 -11.69
C47 CD4 I . -31.27 10.31 -11.53
C48 CD4 I . -30.88 9.95 -12.97
C49 CD4 I . -29.83 8.84 -12.95
C50 CD4 I . -29.29 8.60 -14.36
C51 CD4 I . -27.85 8.09 -14.32
C52 CD4 I . -27.14 8.44 -15.61
C53 CD4 I . -25.63 8.32 -15.43
C54 CD4 I . -25.05 7.40 -16.50
C55 CD4 I . -23.55 7.25 -16.28
C56 CD4 I . -22.80 7.57 -17.55
C57 CD4 I . -21.39 6.97 -17.48
C58 CD4 I . -20.47 7.72 -18.45
C59 CD4 I . -19.74 8.83 -17.70
C60 CD4 I . -24.22 3.42 -17.28
C61 CD4 I . -24.13 3.54 -18.80
C62 CD4 I . -23.38 2.34 -19.38
C63 CD4 I . -17.32 10.54 -12.55
C64 CD4 I . -17.00 11.79 -11.72
C65 CD4 I . -17.94 12.94 -12.09
#